data_2HWE
#
_entry.id   2HWE
#
_cell.length_a   341.300
_cell.length_b   341.300
_cell.length_c   465.900
_cell.angle_alpha   90.00
_cell.angle_beta   90.00
_cell.angle_gamma   120.00
#
_symmetry.space_group_name_H-M   'P 63 2 2'
#
loop_
_entity.id
_entity.type
_entity.pdbx_description
1 polymer 'HUMAN RHINOVIRUS 1A COAT PROTEIN (SUBUNIT VP1)'
2 polymer 'HUMAN RHINOVIRUS 1A COAT PROTEIN (SUBUNIT VP2)'
3 polymer 'HUMAN RHINOVIRUS 1A COAT PROTEIN (SUBUNIT VP3)'
4 polymer 'HUMAN RHINOVIRUS 1A COAT PROTEIN (SUBUNIT VP4)'
5 non-polymer '5-(5-(2,6-DICHLORO-4-(4,5-DIHYDRO-2-OXAZOLY)PHENOXY)PENTYL)-3-METHYL ISOXAZOLE'
#
loop_
_entity_poly.entity_id
_entity_poly.type
_entity_poly.pdbx_seq_one_letter_code
_entity_poly.pdbx_strand_id
1 'polypeptide(L)'
;NPVENYIDEVLNEVLVVPNIKESHHTTSNSAPLLDAAETGHTSNVQPEDAIETRYVITSQTRDEMSIESFLGRSGCVHIS
RIKVDYTDYNGQDINFTKWKITLQEMAQIRRKFELFTYVRFDSEITLVPCIAGRGDDIGHIVMQYMYVPPGAPIPSKRND
FSWQSGTNMSIFWQHGQPFPRFSIPFLSIASAYYMFYDGYDGDNTSSKYGSVVTNDMGTICSRIVTEKQKLSVVITTHIY
HKAKHTKAWCPRPPRAVPYTHSHVTNYMPETGDVTTAIVRRNTITTA
;
1
2 'polypeptide(L)'
;SPSVEACGYSDRIMQITRGDSTISSDDVANAVVGYGVWPHYLTPQDATAINKPTQPDTSSNRFYTLESKHWNGSSKGWWW
KLPDALKDMGIFGENMYYHFLGRSGYTVHVQCNASKFHQGTLLVAMIPEHQLASAKHGSVTAGYKLTHPGEAGRDVSQER
DASLRQPSDDSWLNFDGTLLGNLLIFPHQFINLRSNNSATLIVPYVNAVPMDSMLRHNNWCLVIIPISPLRSETTSSNIV
PITVSISPMCAEFSGARAKNIKQ
;
2
3 'polypeptide(L)'
;GLPVYITPGSGQFMTTDDMQSPCALPWYHPTKEISIPGEVKNLIEMCQVDTLIPVNNVGNNVGNVSMYTVQLGNQTGMAQ
KVFSIKVDITSTPLATTLIGEIASYYTHWTGSLRFSFMFCGTANTTLKLLLAYTPPGIDEPTTRKDAMLGTHVVWDVGLQ
STISLVVPWVSASHFRLTADNKYSMAGYITCWYQTNLVVPPSTPQTADMLCFVSACKDFCLRMARDTDLHIQSGPIEQ
;
3
4 'polypeptide(L)' GAGVSRQNVGTHSTQNSVSNGSSLNYFNINYFKDAASSGASRLD 4
#
loop_
_chem_comp.id
_chem_comp.type
_chem_comp.name
_chem_comp.formula
W54 non-polymer '5-(5-(2,6-DICHLORO-4-(4,5-DIHYDRO-2-OXAZOLY)PHENOXY)PENTYL)-3-METHYL ISOXAZOLE' 'C18 H20 Cl2 N2 O3'
#
# COMPACT_ATOMS: atom_id res chain seq x y z
N ASN A 5 -9.88 -31.86 -1.08
CA ASN A 5 -10.24 -30.61 -0.32
C ASN A 5 -9.67 -30.82 1.11
N TYR A 6 -10.28 -31.81 1.77
CA TYR A 6 -9.72 -32.07 3.10
C TYR A 6 -8.19 -32.02 3.11
N ILE A 7 -7.65 -33.10 2.63
CA ILE A 7 -6.22 -33.36 2.56
C ILE A 7 -5.51 -32.07 2.15
N ASP A 8 -5.99 -31.63 0.98
CA ASP A 8 -5.46 -30.35 0.45
C ASP A 8 -5.55 -29.14 1.38
N GLU A 9 -6.54 -29.08 2.23
CA GLU A 9 -6.94 -28.13 3.23
C GLU A 9 -6.50 -28.41 4.68
N VAL A 10 -6.13 -29.65 4.91
CA VAL A 10 -5.74 -30.17 6.23
C VAL A 10 -4.25 -30.34 6.23
N LEU A 11 -3.87 -30.54 4.97
CA LEU A 11 -2.42 -30.77 4.70
C LEU A 11 -1.79 -29.43 4.32
N ASN A 12 -2.76 -28.59 4.01
CA ASN A 12 -2.55 -27.17 3.64
C ASN A 12 -1.60 -27.26 2.44
N GLU A 13 -2.28 -27.51 1.34
CA GLU A 13 -1.66 -27.65 0.03
C GLU A 13 -2.60 -27.10 -1.03
N VAL A 14 -3.37 -26.12 -0.61
CA VAL A 14 -4.35 -25.50 -1.51
C VAL A 14 -3.69 -24.74 -2.63
N LEU A 15 -2.91 -23.72 -2.33
CA LEU A 15 -2.20 -22.85 -3.30
C LEU A 15 -0.77 -23.32 -3.45
N VAL A 16 -0.52 -24.19 -4.40
CA VAL A 16 0.91 -24.61 -4.51
C VAL A 16 1.59 -23.88 -5.64
N VAL A 17 2.89 -23.72 -5.45
CA VAL A 17 3.80 -23.02 -6.37
C VAL A 17 4.38 -24.07 -7.32
N PRO A 18 4.57 -23.65 -8.55
CA PRO A 18 5.10 -24.45 -9.65
C PRO A 18 6.48 -24.99 -9.36
N ASN A 19 6.91 -25.89 -10.21
CA ASN A 19 8.29 -26.38 -9.91
C ASN A 19 9.19 -25.76 -10.96
N ILE A 20 10.43 -25.96 -10.74
CA ILE A 20 11.54 -25.47 -11.51
C ILE A 20 11.95 -26.63 -12.38
N LYS A 21 11.61 -26.43 -13.62
CA LYS A 21 11.97 -27.41 -14.65
C LYS A 21 13.47 -27.44 -14.93
N GLU A 22 13.84 -28.25 -15.91
CA GLU A 22 15.22 -28.37 -16.33
C GLU A 22 15.48 -27.52 -17.56
N SER A 23 16.69 -27.02 -17.61
CA SER A 23 17.06 -26.21 -18.78
C SER A 23 18.35 -26.78 -19.36
N HIS A 24 18.53 -26.20 -20.52
CA HIS A 24 19.69 -26.42 -21.40
C HIS A 24 20.16 -25.03 -21.83
N HIS A 25 21.27 -25.02 -22.57
CA HIS A 25 21.84 -23.73 -22.96
C HIS A 25 21.17 -23.05 -24.11
N THR A 26 21.36 -21.75 -24.21
CA THR A 26 20.67 -21.11 -25.34
C THR A 26 21.58 -20.05 -25.93
N THR A 27 21.85 -20.33 -27.18
CA THR A 27 22.71 -19.48 -28.01
C THR A 27 21.76 -18.91 -29.02
N SER A 28 20.64 -18.40 -28.54
CA SER A 28 19.56 -17.86 -29.37
C SER A 28 19.06 -16.42 -29.21
N ASN A 29 18.73 -15.88 -30.34
CA ASN A 29 18.17 -14.58 -30.61
C ASN A 29 17.36 -13.94 -29.49
N SER A 30 16.11 -14.40 -29.33
CA SER A 30 15.26 -13.83 -28.27
C SER A 30 15.85 -14.01 -26.84
N ALA A 31 16.06 -12.80 -26.34
CA ALA A 31 16.59 -12.46 -25.02
C ALA A 31 15.48 -12.02 -24.06
N PRO A 32 15.05 -13.00 -23.29
CA PRO A 32 13.99 -12.84 -22.31
C PRO A 32 14.47 -11.97 -21.17
N LEU A 33 15.79 -11.95 -21.00
CA LEU A 33 16.32 -11.17 -19.89
C LEU A 33 16.28 -9.67 -20.07
N LEU A 34 15.93 -9.28 -21.27
CA LEU A 34 15.83 -7.88 -21.68
C LEU A 34 14.43 -7.36 -21.78
N ASP A 35 13.91 -6.53 -20.93
CA ASP A 35 12.52 -6.04 -21.10
C ASP A 35 12.61 -4.57 -20.71
N ALA A 36 11.66 -3.69 -20.97
CA ALA A 36 11.71 -2.28 -20.59
C ALA A 36 10.62 -1.91 -19.59
N ALA A 37 11.01 -2.04 -18.37
CA ALA A 37 10.34 -1.80 -17.10
C ALA A 37 9.61 -0.45 -16.95
N GLU A 38 9.82 0.35 -17.98
CA GLU A 38 9.23 1.67 -18.13
C GLU A 38 7.77 1.52 -18.49
N THR A 39 7.37 0.40 -19.05
CA THR A 39 6.06 -0.04 -19.51
C THR A 39 5.14 -0.18 -18.31
N GLY A 40 5.89 -0.04 -17.25
CA GLY A 40 5.33 -0.08 -15.91
C GLY A 40 5.02 -1.50 -15.58
N HIS A 41 5.03 -2.38 -16.56
CA HIS A 41 4.73 -3.80 -16.19
C HIS A 41 5.85 -4.52 -15.43
N THR A 42 5.51 -5.77 -15.10
CA THR A 42 6.60 -6.48 -14.40
C THR A 42 7.13 -7.56 -15.33
N SER A 43 8.45 -7.69 -15.14
CA SER A 43 9.17 -8.73 -15.88
C SER A 43 8.51 -10.07 -15.42
N ASN A 44 8.80 -10.95 -16.35
CA ASN A 44 8.42 -12.34 -16.32
C ASN A 44 9.68 -13.15 -16.63
N VAL A 45 10.64 -13.22 -15.76
CA VAL A 45 11.84 -14.02 -16.20
C VAL A 45 11.93 -15.04 -15.09
N GLN A 46 12.54 -16.17 -15.42
CA GLN A 46 12.62 -17.19 -14.35
C GLN A 46 13.99 -17.82 -14.34
N PRO A 47 14.07 -18.67 -13.36
CA PRO A 47 15.35 -19.39 -13.14
C PRO A 47 15.75 -20.06 -14.44
N GLU A 48 14.81 -20.89 -14.86
CA GLU A 48 14.94 -21.68 -16.08
C GLU A 48 15.37 -20.81 -17.24
N ASP A 49 15.00 -19.56 -17.26
CA ASP A 49 15.42 -18.68 -18.36
C ASP A 49 16.89 -18.25 -18.43
N ALA A 50 17.39 -17.79 -17.30
CA ALA A 50 18.68 -17.24 -16.98
C ALA A 50 19.82 -18.21 -16.76
N ILE A 51 19.46 -19.37 -16.26
CA ILE A 51 20.49 -20.39 -15.97
C ILE A 51 20.04 -21.74 -16.56
N GLU A 52 20.95 -22.67 -16.25
CA GLU A 52 20.79 -24.07 -16.64
C GLU A 52 20.45 -24.76 -15.33
N THR A 53 19.19 -24.68 -15.08
CA THR A 53 18.37 -25.15 -13.99
C THR A 53 18.36 -26.66 -14.02
N ARG A 54 17.75 -27.29 -13.03
CA ARG A 54 17.72 -28.74 -12.96
C ARG A 54 16.31 -29.29 -13.03
N TYR A 55 15.77 -29.62 -11.89
CA TYR A 55 14.41 -30.18 -11.84
C TYR A 55 14.05 -30.36 -10.37
N VAL A 56 13.20 -29.44 -9.96
CA VAL A 56 12.85 -29.55 -8.52
C VAL A 56 11.35 -29.50 -8.49
N ILE A 57 10.81 -30.56 -7.92
CA ILE A 57 9.35 -30.66 -7.75
C ILE A 57 9.14 -29.92 -6.43
N THR A 58 8.38 -28.88 -6.47
CA THR A 58 8.16 -28.03 -5.27
C THR A 58 7.18 -28.59 -4.27
N SER A 59 6.74 -27.81 -3.31
CA SER A 59 5.81 -28.38 -2.26
C SER A 59 5.58 -27.35 -1.15
N GLN A 60 5.46 -26.13 -1.63
CA GLN A 60 5.33 -24.98 -0.73
C GLN A 60 3.97 -24.46 -1.20
N THR A 61 3.28 -24.19 -0.11
CA THR A 61 1.94 -23.65 -0.34
C THR A 61 1.98 -22.18 -0.05
N ARG A 62 1.10 -21.48 -0.73
CA ARG A 62 0.99 -20.02 -0.54
C ARG A 62 -0.30 -19.87 0.26
N ASP A 63 -0.54 -20.88 1.08
CA ASP A 63 -1.76 -20.83 1.90
C ASP A 63 -1.60 -19.71 2.91
N GLU A 64 -0.60 -19.79 3.77
CA GLU A 64 -0.37 -18.75 4.77
C GLU A 64 -0.12 -17.41 4.12
N MET A 65 -0.05 -17.23 2.81
CA MET A 65 0.15 -15.95 2.12
C MET A 65 -1.15 -15.47 1.49
N SER A 66 -2.22 -15.56 2.21
CA SER A 66 -3.57 -15.23 1.86
C SER A 66 -4.06 -14.13 2.77
N ILE A 67 -4.68 -13.22 2.07
CA ILE A 67 -5.27 -12.11 2.82
C ILE A 67 -6.00 -12.70 4.01
N GLU A 68 -6.24 -14.00 4.18
CA GLU A 68 -7.00 -14.34 5.42
C GLU A 68 -6.11 -14.76 6.56
N SER A 69 -4.91 -15.22 6.26
CA SER A 69 -3.98 -15.65 7.32
C SER A 69 -3.03 -14.49 7.52
N PHE A 70 -3.16 -13.45 6.70
CA PHE A 70 -2.30 -12.29 6.79
C PHE A 70 -3.16 -11.38 7.68
N LEU A 71 -4.42 -11.39 7.32
CA LEU A 71 -5.26 -10.52 8.17
C LEU A 71 -5.81 -11.28 9.34
N GLY A 72 -6.56 -12.34 9.26
CA GLY A 72 -7.19 -13.14 10.30
C GLY A 72 -6.42 -13.59 11.51
N ARG A 73 -6.02 -12.64 12.36
CA ARG A 73 -5.24 -12.75 13.59
C ARG A 73 -5.65 -11.66 14.60
N SER A 74 -6.05 -12.00 15.81
CA SER A 74 -6.47 -11.07 16.85
C SER A 74 -5.40 -10.10 17.32
N GLY A 75 -5.72 -8.81 17.46
CA GLY A 75 -4.83 -7.75 17.85
C GLY A 75 -5.42 -6.63 18.70
N CYS A 76 -4.67 -6.28 19.75
CA CYS A 76 -5.05 -5.27 20.75
C CYS A 76 -5.33 -4.03 19.95
N VAL A 77 -6.49 -3.44 20.15
CA VAL A 77 -6.80 -2.22 19.34
C VAL A 77 -7.29 -1.12 20.26
N HIS A 78 -7.35 -1.65 21.50
CA HIS A 78 -7.87 -0.81 22.58
C HIS A 78 -7.83 -1.54 23.90
N ILE A 79 -7.48 -0.70 24.88
CA ILE A 79 -7.34 -1.09 26.27
C ILE A 79 -8.21 -0.24 27.18
N SER A 80 -9.46 -0.54 27.27
CA SER A 80 -10.36 0.16 28.20
C SER A 80 -9.85 -0.03 29.66
N ARG A 81 -9.87 1.12 30.33
CA ARG A 81 -9.43 1.30 31.71
C ARG A 81 -10.50 2.04 32.52
N ILE A 82 -10.63 1.59 33.78
CA ILE A 82 -11.53 2.12 34.77
C ILE A 82 -10.89 2.08 36.18
N LYS A 83 -10.45 3.27 36.57
CA LYS A 83 -9.86 3.39 37.94
C LYS A 83 -11.12 3.75 38.73
N VAL A 84 -11.64 2.68 39.34
CA VAL A 84 -12.91 2.92 40.05
C VAL A 84 -12.69 3.96 41.15
N ASP A 85 -13.85 4.41 41.56
CA ASP A 85 -14.11 5.40 42.61
C ASP A 85 -15.28 4.93 43.47
N TYR A 86 -15.21 5.15 44.77
CA TYR A 86 -16.37 4.64 45.57
C TYR A 86 -16.98 5.85 46.30
N THR A 87 -16.10 6.84 46.32
CA THR A 87 -16.37 8.16 46.91
C THR A 87 -17.63 8.77 46.25
N ASP A 88 -17.53 8.92 44.95
CA ASP A 88 -18.59 9.42 44.10
C ASP A 88 -18.74 8.27 43.08
N TYR A 89 -19.97 7.80 43.18
CA TYR A 89 -20.37 6.69 42.28
C TYR A 89 -21.34 7.40 41.35
N ASN A 90 -21.18 7.04 40.10
CA ASN A 90 -22.16 7.75 39.18
C ASN A 90 -21.50 9.10 38.91
N GLY A 91 -22.12 10.23 39.25
CA GLY A 91 -21.35 11.48 38.88
C GLY A 91 -21.29 11.44 37.34
N GLN A 92 -20.85 12.57 36.78
CA GLN A 92 -20.83 12.68 35.29
C GLN A 92 -19.56 12.29 34.59
N ASP A 93 -19.69 11.24 33.77
CA ASP A 93 -18.50 10.80 33.01
C ASP A 93 -17.59 9.97 33.91
N ILE A 94 -18.17 9.07 34.70
CA ILE A 94 -17.35 8.25 35.60
C ILE A 94 -17.73 6.79 35.82
N ASN A 95 -16.59 6.13 36.03
CA ASN A 95 -16.66 4.68 36.33
C ASN A 95 -17.26 3.79 35.21
N PHE A 96 -17.42 4.50 34.10
CA PHE A 96 -17.96 3.93 32.86
C PHE A 96 -17.11 4.57 31.75
N THR A 97 -16.66 3.70 30.86
CA THR A 97 -15.89 4.11 29.67
C THR A 97 -16.75 4.16 28.42
N LYS A 98 -16.30 4.95 27.49
CA LYS A 98 -16.90 5.12 26.17
C LYS A 98 -15.75 5.33 25.17
N TRP A 99 -15.26 5.31 24.14
CA TRP A 99 -14.17 5.13 23.16
C TRP A 99 -14.74 5.00 21.77
N LYS A 100 -14.12 5.76 20.88
CA LYS A 100 -14.56 5.82 19.50
C LYS A 100 -13.93 4.73 18.65
N ILE A 101 -14.90 4.05 18.13
CA ILE A 101 -14.82 2.95 17.21
C ILE A 101 -13.75 3.18 16.16
N THR A 102 -12.71 2.36 16.19
CA THR A 102 -11.64 2.49 15.19
C THR A 102 -10.47 1.56 15.47
N LEU A 103 -9.49 1.70 14.60
CA LEU A 103 -8.27 0.88 14.59
C LEU A 103 -6.99 1.72 14.67
N GLN A 104 -6.98 2.80 13.93
CA GLN A 104 -5.82 3.70 13.79
C GLN A 104 -5.34 4.22 15.16
N GLU A 105 -6.10 3.94 16.21
CA GLU A 105 -5.72 4.38 17.56
C GLU A 105 -4.58 3.51 18.10
N MET A 106 -4.15 2.47 17.33
CA MET A 106 -3.00 1.65 17.81
C MET A 106 -2.28 0.71 16.74
N ALA A 107 -1.11 1.22 16.29
CA ALA A 107 -0.10 0.65 15.29
C ALA A 107 -0.24 -0.85 14.80
N GLN A 108 0.95 -1.54 14.90
CA GLN A 108 1.22 -2.98 14.46
C GLN A 108 0.13 -3.55 13.55
N ILE A 109 -1.10 -3.43 13.98
CA ILE A 109 -2.25 -3.94 13.23
C ILE A 109 -2.77 -2.86 12.25
N ARG A 110 -2.68 -1.62 12.66
CA ARG A 110 -3.10 -0.47 11.83
C ARG A 110 -2.28 -0.46 10.52
N ARG A 111 -1.03 -0.75 10.85
CA ARG A 111 0.05 -0.90 9.84
C ARG A 111 -0.30 -1.76 8.63
N LYS A 112 -0.57 -2.99 9.00
CA LYS A 112 -1.04 -4.28 8.41
C LYS A 112 -2.17 -4.11 7.39
N PHE A 113 -3.23 -3.46 7.78
CA PHE A 113 -4.32 -3.22 6.83
C PHE A 113 -3.85 -2.24 5.78
N GLU A 114 -3.61 -1.07 6.31
CA GLU A 114 -3.15 0.08 5.56
C GLU A 114 -2.36 -0.32 4.33
N LEU A 115 -1.98 -1.56 4.22
CA LEU A 115 -1.27 -2.20 3.13
C LEU A 115 -2.16 -2.25 1.87
N PHE A 116 -3.45 -1.98 2.09
CA PHE A 116 -4.51 -1.92 1.09
C PHE A 116 -5.40 -0.67 1.25
N THR A 117 -5.92 -0.22 0.12
CA THR A 117 -6.81 0.91 0.03
C THR A 117 -8.20 0.61 0.60
N TYR A 118 -8.76 -0.49 0.12
CA TYR A 118 -10.12 -0.83 0.62
C TYR A 118 -10.11 -2.18 1.27
N VAL A 119 -10.95 -2.46 2.07
CA VAL A 119 -11.00 -3.68 2.87
C VAL A 119 -12.46 -3.92 3.25
N ARG A 120 -12.77 -5.17 3.53
CA ARG A 120 -14.13 -5.59 3.91
C ARG A 120 -14.02 -6.86 4.74
N PHE A 121 -14.86 -6.92 5.77
CA PHE A 121 -14.84 -8.07 6.68
C PHE A 121 -15.84 -8.08 7.80
N ASP A 122 -16.10 -9.32 8.21
CA ASP A 122 -16.82 -9.62 9.44
C ASP A 122 -15.71 -9.70 10.48
N SER A 123 -15.96 -9.11 11.60
CA SER A 123 -14.97 -9.02 12.62
C SER A 123 -15.29 -9.91 13.77
N GLU A 124 -14.28 -10.57 14.22
CA GLU A 124 -14.40 -11.27 15.46
C GLU A 124 -14.29 -10.16 16.49
N ILE A 125 -14.37 -10.50 17.73
CA ILE A 125 -14.18 -9.52 18.80
C ILE A 125 -14.24 -10.17 20.11
N THR A 126 -13.18 -9.91 20.78
CA THR A 126 -12.96 -10.45 22.05
C THR A 126 -12.48 -9.38 23.03
N LEU A 127 -12.97 -9.62 24.24
CA LEU A 127 -12.75 -8.82 25.47
C LEU A 127 -11.97 -9.65 26.51
N VAL A 128 -10.89 -9.07 27.00
CA VAL A 128 -10.03 -9.73 27.99
C VAL A 128 -9.95 -8.90 29.28
N PRO A 129 -11.02 -8.82 30.08
CA PRO A 129 -10.98 -8.07 31.33
C PRO A 129 -9.94 -8.66 32.26
N CYS A 130 -9.21 -7.86 32.95
CA CYS A 130 -8.21 -8.14 33.98
C CYS A 130 -8.49 -7.18 35.16
N ILE A 131 -8.85 -7.79 36.26
CA ILE A 131 -9.18 -7.13 37.51
C ILE A 131 -8.05 -7.00 38.52
N ALA A 132 -7.43 -5.84 38.60
CA ALA A 132 -6.36 -5.58 39.54
C ALA A 132 -6.97 -5.10 40.87
N GLY A 133 -6.55 -5.91 41.85
CA GLY A 133 -6.88 -5.84 43.28
C GLY A 133 -5.91 -4.85 43.97
N ARG A 134 -6.59 -3.79 44.38
CA ARG A 134 -5.91 -2.66 45.03
C ARG A 134 -6.40 -2.59 46.47
N GLY A 135 -7.26 -3.58 46.70
CA GLY A 135 -7.96 -3.83 47.99
C GLY A 135 -7.52 -5.22 48.48
N ASP A 136 -7.97 -5.53 49.66
CA ASP A 136 -7.77 -6.80 50.34
C ASP A 136 -8.80 -7.87 49.96
N ASP A 137 -9.60 -7.63 48.94
CA ASP A 137 -10.63 -8.56 48.46
C ASP A 137 -11.48 -7.91 47.38
N ILE A 138 -11.44 -8.46 46.18
CA ILE A 138 -12.21 -7.89 45.06
C ILE A 138 -13.70 -8.17 44.87
N GLY A 139 -14.25 -9.10 45.63
CA GLY A 139 -15.62 -9.50 45.65
C GLY A 139 -15.93 -10.13 44.29
N HIS A 140 -17.12 -9.76 43.87
CA HIS A 140 -17.77 -10.24 42.63
C HIS A 140 -18.03 -9.05 41.75
N ILE A 141 -17.09 -8.78 40.88
CA ILE A 141 -17.24 -7.60 40.01
C ILE A 141 -17.80 -7.90 38.64
N VAL A 142 -19.09 -7.92 38.44
CA VAL A 142 -19.81 -8.08 37.18
C VAL A 142 -19.50 -6.93 36.20
N MET A 143 -19.71 -7.22 34.93
CA MET A 143 -19.40 -6.16 33.93
C MET A 143 -20.34 -6.03 32.77
N GLN A 144 -20.54 -4.83 32.26
CA GLN A 144 -21.43 -4.68 31.10
C GLN A 144 -20.74 -3.88 30.01
N TYR A 145 -20.47 -4.66 28.83
CA TYR A 145 -20.03 -3.91 27.63
C TYR A 145 -21.18 -3.76 26.65
N MET A 146 -21.11 -2.40 26.05
CA MET A 146 -22.09 -2.24 24.96
C MET A 146 -21.85 -1.01 24.16
N TYR A 147 -22.31 -1.19 23.31
CA TYR A 147 -22.14 -0.67 21.94
C TYR A 147 -23.17 0.36 21.65
N VAL A 148 -22.66 1.46 21.26
CA VAL A 148 -23.50 2.55 20.96
C VAL A 148 -23.24 3.08 19.63
N PRO A 149 -24.08 2.65 18.75
CA PRO A 149 -24.01 3.10 17.44
C PRO A 149 -24.27 4.52 17.46
N PRO A 150 -24.25 5.10 16.32
CA PRO A 150 -24.68 6.48 16.30
C PRO A 150 -26.07 6.59 16.85
N GLY A 151 -26.91 7.14 16.11
CA GLY A 151 -26.87 8.29 17.02
C GLY A 151 -27.68 7.51 18.07
N ALA A 152 -27.17 7.53 19.27
CA ALA A 152 -27.85 6.77 20.33
C ALA A 152 -27.47 7.39 21.65
N PRO A 153 -28.27 7.22 22.67
CA PRO A 153 -28.00 7.77 24.00
C PRO A 153 -26.76 7.03 24.53
N ILE A 154 -25.75 7.86 24.70
CA ILE A 154 -24.48 7.41 25.23
C ILE A 154 -24.58 7.90 26.68
N PRO A 155 -24.33 6.92 27.54
CA PRO A 155 -24.43 7.15 28.96
C PRO A 155 -23.56 8.31 29.39
N SER A 156 -24.28 9.26 29.93
CA SER A 156 -23.83 10.52 30.51
C SER A 156 -22.94 10.15 31.72
N LYS A 157 -23.45 9.10 32.32
CA LYS A 157 -22.82 8.55 33.50
C LYS A 157 -23.50 7.27 33.92
N ARG A 158 -22.61 6.43 34.35
CA ARG A 158 -22.83 5.09 34.88
C ARG A 158 -24.21 4.51 34.88
N ASN A 159 -25.21 4.98 35.56
CA ASN A 159 -26.54 4.33 35.42
C ASN A 159 -27.44 5.28 34.60
N ASP A 160 -27.40 5.28 33.27
CA ASP A 160 -28.29 6.26 32.56
C ASP A 160 -29.69 5.66 32.54
N PHE A 161 -30.08 5.22 31.38
CA PHE A 161 -31.40 4.55 31.19
C PHE A 161 -31.03 3.69 29.98
N SER A 162 -29.87 4.04 29.44
CA SER A 162 -29.29 3.41 28.25
C SER A 162 -28.63 2.07 28.62
N TRP A 163 -28.64 1.79 29.92
CA TRP A 163 -27.95 0.53 30.25
C TRP A 163 -29.05 -0.49 30.40
N GLN A 164 -30.16 -0.16 29.78
CA GLN A 164 -31.30 -1.12 29.89
C GLN A 164 -31.17 -1.99 28.63
N SER A 165 -30.60 -1.46 27.59
CA SER A 165 -30.35 -2.07 26.27
C SER A 165 -31.54 -2.81 25.68
N GLY A 166 -32.66 -2.18 25.87
CA GLY A 166 -33.97 -2.70 25.46
C GLY A 166 -33.90 -3.10 23.98
N THR A 167 -32.93 -2.47 23.34
CA THR A 167 -32.74 -2.76 21.89
C THR A 167 -31.32 -2.57 21.43
N ASN A 168 -30.34 -2.81 22.24
CA ASN A 168 -28.92 -2.64 22.05
C ASN A 168 -28.20 -3.88 22.55
N MET A 169 -26.92 -3.90 22.19
CA MET A 169 -26.23 -5.10 22.68
C MET A 169 -25.27 -4.80 23.80
N SER A 170 -25.46 -5.63 24.81
CA SER A 170 -24.69 -5.57 26.07
C SER A 170 -24.31 -7.00 26.41
N ILE A 171 -23.04 -7.22 26.50
CA ILE A 171 -22.47 -8.55 26.86
C ILE A 171 -22.06 -8.39 28.32
N PHE A 172 -22.28 -9.46 29.06
CA PHE A 172 -22.05 -9.44 30.53
C PHE A 172 -20.98 -10.41 30.95
N TRP A 173 -20.01 -10.06 31.77
CA TRP A 173 -18.96 -11.06 32.13
C TRP A 173 -18.76 -10.92 33.64
N GLN A 174 -18.79 -12.07 34.27
CA GLN A 174 -18.63 -12.13 35.73
C GLN A 174 -17.37 -12.92 36.03
N HIS A 175 -16.55 -12.34 36.86
CA HIS A 175 -15.29 -12.96 37.31
C HIS A 175 -15.37 -14.49 37.43
N GLY A 176 -14.50 -15.15 36.64
CA GLY A 176 -14.47 -16.65 36.61
C GLY A 176 -14.85 -17.03 35.19
N GLN A 177 -16.14 -16.99 34.88
CA GLN A 177 -16.66 -17.25 33.53
C GLN A 177 -15.67 -16.51 32.57
N PRO A 178 -15.34 -17.31 31.55
CA PRO A 178 -14.42 -16.96 30.50
C PRO A 178 -14.70 -15.68 29.73
N PHE A 179 -13.63 -15.47 28.96
CA PHE A 179 -13.55 -14.30 28.10
C PHE A 179 -14.77 -14.17 27.21
N PRO A 180 -15.32 -12.99 27.15
CA PRO A 180 -16.49 -12.76 26.28
C PRO A 180 -15.95 -12.59 24.87
N ARG A 181 -16.61 -13.17 23.92
CA ARG A 181 -16.29 -13.15 22.49
C ARG A 181 -17.59 -13.20 21.75
N PHE A 182 -17.52 -12.68 20.59
CA PHE A 182 -18.68 -12.61 19.75
C PHE A 182 -18.20 -12.11 18.42
N SER A 183 -19.11 -12.01 17.51
CA SER A 183 -18.74 -11.61 16.19
C SER A 183 -19.72 -10.66 15.60
N ILE A 184 -19.36 -10.21 14.43
CA ILE A 184 -20.09 -9.14 13.86
C ILE A 184 -20.06 -9.04 12.35
N PRO A 185 -21.24 -8.71 11.81
CA PRO A 185 -21.41 -8.44 10.41
C PRO A 185 -20.61 -7.25 10.02
N PHE A 186 -20.42 -7.10 8.75
CA PHE A 186 -19.69 -5.97 8.21
C PHE A 186 -20.63 -4.76 8.20
N LEU A 187 -20.19 -3.84 9.02
CA LEU A 187 -21.06 -2.70 9.32
C LEU A 187 -20.83 -1.55 8.39
N SER A 188 -21.11 -1.40 7.14
CA SER A 188 -20.74 -0.06 6.57
C SER A 188 -21.85 0.28 5.60
N ILE A 189 -22.21 1.53 5.41
CA ILE A 189 -23.28 1.86 4.44
C ILE A 189 -22.81 1.66 3.00
N ALA A 190 -21.53 1.59 2.85
CA ALA A 190 -20.65 1.43 1.70
C ALA A 190 -20.31 -0.02 1.39
N SER A 191 -19.87 -0.41 0.24
CA SER A 191 -19.71 -1.85 -0.04
C SER A 191 -18.45 -2.41 0.63
N ALA A 192 -17.62 -1.50 1.09
CA ALA A 192 -16.35 -1.84 1.74
C ALA A 192 -15.95 -0.77 2.79
N TYR A 193 -15.10 -1.18 3.75
CA TYR A 193 -14.55 -0.23 4.76
C TYR A 193 -13.42 0.57 4.11
N TYR A 194 -13.53 1.88 4.22
CA TYR A 194 -12.54 2.82 3.68
C TYR A 194 -11.36 2.96 4.64
N MET A 195 -10.25 2.33 4.29
CA MET A 195 -9.03 2.41 5.11
C MET A 195 -8.43 3.82 4.94
N PHE A 196 -8.75 4.37 3.79
CA PHE A 196 -8.32 5.72 3.40
C PHE A 196 -9.48 6.46 2.75
N TYR A 197 -9.20 7.70 2.41
CA TYR A 197 -10.19 8.59 1.79
C TYR A 197 -9.52 9.90 1.37
N ASP A 198 -9.98 10.45 0.26
CA ASP A 198 -9.47 11.75 -0.26
C ASP A 198 -10.68 12.67 -0.47
N GLY A 199 -11.48 12.61 0.58
CA GLY A 199 -12.72 13.38 0.64
C GLY A 199 -12.75 14.15 1.94
N TYR A 200 -13.76 15.00 1.93
CA TYR A 200 -14.03 15.92 3.03
C TYR A 200 -15.51 15.94 3.42
N ASP A 201 -15.72 16.61 4.56
CA ASP A 201 -17.05 16.83 5.10
C ASP A 201 -17.89 17.71 4.16
N GLY A 202 -17.28 18.73 3.61
CA GLY A 202 -17.79 19.74 2.70
C GLY A 202 -16.78 20.77 2.20
N ASP A 203 -17.22 21.85 1.55
CA ASP A 203 -16.60 23.02 0.94
C ASP A 203 -16.09 24.07 1.94
N ASN A 204 -16.53 23.81 3.17
CA ASN A 204 -16.16 24.58 4.36
C ASN A 204 -14.62 24.28 4.48
N THR A 205 -14.04 25.48 4.38
CA THR A 205 -12.58 25.56 4.43
C THR A 205 -12.13 25.24 5.85
N SER A 206 -13.05 24.46 6.44
CA SER A 206 -12.82 24.08 7.86
C SER A 206 -13.47 22.70 8.01
N SER A 207 -13.65 22.11 6.83
CA SER A 207 -14.24 20.76 6.88
C SER A 207 -13.15 19.71 7.12
N LYS A 208 -13.64 18.55 7.54
CA LYS A 208 -12.82 17.39 7.85
C LYS A 208 -12.46 16.66 6.54
N TYR A 209 -11.26 16.07 6.61
CA TYR A 209 -10.73 15.34 5.46
C TYR A 209 -9.94 14.10 5.86
N GLY A 210 -10.44 12.90 5.64
CA GLY A 210 -9.75 11.68 5.98
C GLY A 210 -10.71 10.52 6.06
N SER A 211 -10.18 9.49 6.68
CA SER A 211 -10.78 8.21 6.93
C SER A 211 -11.66 8.49 8.14
N VAL A 212 -12.77 8.96 7.79
CA VAL A 212 -13.17 9.36 9.16
C VAL A 212 -14.48 10.13 9.02
N VAL A 213 -14.50 10.91 7.97
CA VAL A 213 -15.72 11.51 7.54
C VAL A 213 -16.55 10.27 7.33
N THR A 214 -15.44 9.13 7.10
CA THR A 214 -16.26 7.91 6.95
C THR A 214 -16.20 6.84 7.92
N ASN A 215 -16.19 7.12 9.16
CA ASN A 215 -16.21 6.00 10.10
C ASN A 215 -16.64 6.41 11.44
N ASP A 216 -17.84 6.85 11.50
CA ASP A 216 -18.36 7.10 12.79
C ASP A 216 -19.32 6.01 13.00
N MET A 217 -18.66 5.03 13.54
CA MET A 217 -19.30 3.86 13.84
C MET A 217 -19.18 3.41 15.21
N GLY A 218 -19.75 4.26 16.01
CA GLY A 218 -20.00 3.89 17.34
C GLY A 218 -19.54 4.78 18.32
N THR A 219 -19.08 3.91 19.14
CA THR A 219 -18.47 4.10 20.35
C THR A 219 -18.98 2.99 21.30
N ILE A 220 -18.26 2.92 22.39
CA ILE A 220 -18.51 1.95 23.43
C ILE A 220 -18.49 2.54 24.80
N CYS A 221 -19.64 2.55 25.35
CA CYS A 221 -19.85 2.99 26.69
C CYS A 221 -19.89 1.76 27.57
N SER A 222 -19.04 1.82 28.53
CA SER A 222 -18.79 0.69 29.44
C SER A 222 -19.48 0.87 30.79
N ARG A 223 -19.45 -0.22 31.56
CA ARG A 223 -20.08 -0.25 32.89
C ARG A 223 -19.70 -1.52 33.67
N ILE A 224 -19.42 -1.34 35.13
CA ILE A 224 -19.13 -2.36 36.15
C ILE A 224 -20.36 -2.31 37.04
N VAL A 225 -21.32 -3.08 36.59
CA VAL A 225 -22.62 -3.24 37.18
C VAL A 225 -22.73 -3.39 38.69
N THR A 226 -22.00 -4.26 39.33
CA THR A 226 -22.00 -4.59 40.74
C THR A 226 -22.37 -3.66 41.88
N GLU A 227 -22.32 -2.37 41.67
CA GLU A 227 -22.64 -1.34 42.69
C GLU A 227 -21.36 -1.02 43.44
N LYS A 228 -21.48 -0.43 44.59
CA LYS A 228 -20.39 0.01 45.44
C LYS A 228 -19.75 -1.13 46.17
N GLN A 229 -18.46 -1.13 46.11
CA GLN A 229 -17.75 -2.23 46.81
C GLN A 229 -16.96 -1.52 47.88
N LYS A 230 -16.31 -2.33 48.70
CA LYS A 230 -15.49 -1.79 49.80
C LYS A 230 -14.04 -1.50 49.38
N LEU A 231 -13.40 -2.61 49.06
CA LEU A 231 -11.97 -2.61 48.68
C LEU A 231 -11.98 -2.28 47.18
N SER A 232 -11.22 -1.26 46.80
CA SER A 232 -11.05 -0.73 45.46
C SER A 232 -10.45 -1.77 44.50
N VAL A 233 -10.48 -1.31 43.27
CA VAL A 233 -10.05 -1.98 42.07
C VAL A 233 -9.88 -0.95 40.91
N VAL A 234 -9.25 -1.65 39.98
CA VAL A 234 -8.99 -1.03 38.66
C VAL A 234 -9.13 -2.18 37.66
N ILE A 235 -9.98 -1.87 36.70
CA ILE A 235 -10.24 -2.80 35.61
C ILE A 235 -9.68 -2.23 34.28
N THR A 236 -9.14 -3.24 33.65
CA THR A 236 -8.46 -3.11 32.36
C THR A 236 -8.98 -4.24 31.50
N THR A 237 -9.92 -3.80 30.66
CA THR A 237 -10.55 -4.75 29.71
C THR A 237 -9.96 -4.47 28.34
N HIS A 238 -9.09 -5.36 27.90
CA HIS A 238 -8.41 -5.34 26.60
C HIS A 238 -9.34 -5.76 25.47
N ILE A 239 -9.26 -5.04 24.37
CA ILE A 239 -10.09 -5.29 23.18
C ILE A 239 -9.27 -5.77 21.97
N TYR A 240 -9.33 -7.07 21.74
CA TYR A 240 -8.69 -7.72 20.59
C TYR A 240 -9.65 -7.80 19.39
N HIS A 241 -9.13 -7.86 18.18
CA HIS A 241 -9.93 -7.89 16.97
C HIS A 241 -9.25 -8.73 15.88
N LYS A 242 -10.13 -9.52 15.30
CA LYS A 242 -9.89 -10.47 14.21
C LYS A 242 -10.92 -10.30 13.08
N ALA A 243 -10.22 -10.38 11.95
CA ALA A 243 -10.82 -10.29 10.61
C ALA A 243 -10.94 -11.68 9.96
N LYS A 244 -12.23 -12.02 9.88
CA LYS A 244 -12.70 -13.29 9.32
C LYS A 244 -13.64 -12.99 8.16
N HIS A 245 -13.33 -13.63 7.05
CA HIS A 245 -14.05 -13.55 5.80
C HIS A 245 -13.73 -12.26 5.10
N THR A 246 -12.46 -11.96 5.09
CA THR A 246 -11.92 -10.73 4.48
C THR A 246 -11.60 -10.68 2.98
N LYS A 247 -11.74 -9.48 2.39
CA LYS A 247 -11.40 -9.16 1.02
C LYS A 247 -10.58 -7.86 0.93
N ALA A 248 -9.70 -7.81 -0.05
CA ALA A 248 -8.92 -6.56 -0.13
C ALA A 248 -8.68 -6.20 -1.57
N TRP A 249 -8.71 -4.93 -1.84
CA TRP A 249 -8.57 -4.18 -3.06
C TRP A 249 -7.49 -3.09 -3.06
N CYS A 250 -6.74 -3.04 -4.13
CA CYS A 250 -5.67 -2.10 -4.41
C CYS A 250 -4.63 -1.90 -3.31
N PRO A 251 -3.62 -2.76 -3.28
CA PRO A 251 -2.49 -2.71 -2.38
C PRO A 251 -1.68 -1.39 -2.57
N ARG A 252 -1.14 -1.09 -1.40
CA ARG A 252 -0.33 0.06 -1.15
C ARG A 252 1.01 -0.28 -0.48
N PRO A 253 1.90 0.68 -0.70
CA PRO A 253 3.24 0.63 -0.10
C PRO A 253 3.06 0.68 1.41
N PRO A 254 3.75 -0.16 2.19
CA PRO A 254 3.64 -0.17 3.65
C PRO A 254 4.05 1.17 4.25
N ARG A 255 3.84 1.30 5.55
CA ARG A 255 4.22 2.56 6.23
C ARG A 255 5.62 2.57 6.79
N ALA A 256 6.47 3.59 6.59
CA ALA A 256 7.81 3.40 7.25
C ALA A 256 8.06 4.45 8.34
N VAL A 257 7.10 5.34 8.46
CA VAL A 257 7.25 6.40 9.46
C VAL A 257 6.19 6.17 10.53
N PRO A 258 6.70 6.16 11.75
CA PRO A 258 5.86 5.95 12.95
C PRO A 258 4.79 7.02 12.92
N TYR A 259 3.53 6.63 12.91
CA TYR A 259 2.46 7.65 12.86
C TYR A 259 2.29 8.32 14.23
N THR A 260 1.23 9.09 14.33
CA THR A 260 0.82 9.85 15.50
C THR A 260 -0.61 10.27 15.22
N HIS A 261 -1.53 9.91 16.07
CA HIS A 261 -2.93 10.21 15.80
C HIS A 261 -3.44 9.23 14.76
N SER A 262 -4.73 9.17 14.71
CA SER A 262 -5.45 8.26 13.84
C SER A 262 -6.34 9.04 12.89
N HIS A 263 -6.71 8.34 11.83
CA HIS A 263 -7.61 8.87 10.79
C HIS A 263 -6.90 9.92 9.98
N VAL A 264 -5.60 9.89 10.14
CA VAL A 264 -4.69 10.81 9.46
C VAL A 264 -3.40 10.07 9.10
N THR A 265 -2.74 10.70 8.15
CA THR A 265 -1.47 10.17 7.62
C THR A 265 -0.23 10.78 8.26
N ASN A 266 -0.41 12.02 8.70
CA ASN A 266 0.56 12.91 9.31
C ASN A 266 1.70 12.15 10.00
N TYR A 267 2.91 12.60 9.64
CA TYR A 267 4.06 11.92 10.27
C TYR A 267 4.86 12.89 11.11
N MET A 268 5.16 13.99 10.47
CA MET A 268 5.87 15.14 11.00
C MET A 268 5.91 15.04 12.52
N PRO A 269 7.02 14.51 12.99
CA PRO A 269 7.24 14.30 14.43
C PRO A 269 7.43 15.64 15.16
N GLU A 270 7.22 15.60 16.48
CA GLU A 270 7.38 16.80 17.34
C GLU A 270 8.90 17.01 17.46
N THR A 271 9.28 17.97 16.60
CA THR A 271 10.72 18.26 16.52
C THR A 271 11.66 17.21 15.89
N GLY A 272 11.71 16.05 16.58
CA GLY A 272 12.63 15.03 16.07
C GLY A 272 12.65 14.93 14.54
N ASP A 273 13.80 14.79 13.85
CA ASP A 273 13.78 14.61 12.38
C ASP A 273 12.94 13.34 11.98
N VAL A 274 12.25 13.36 10.80
CA VAL A 274 11.46 12.19 10.42
C VAL A 274 12.46 11.03 10.18
N THR A 275 12.07 10.08 11.04
CA THR A 275 12.85 8.83 11.05
C THR A 275 12.12 7.68 10.38
N THR A 276 12.93 6.90 9.69
CA THR A 276 12.57 5.72 8.91
C THR A 276 13.57 4.60 9.21
N ALA A 277 13.13 3.42 8.84
CA ALA A 277 13.89 2.19 9.05
C ALA A 277 15.19 2.07 8.24
N ILE A 278 15.31 2.80 7.15
CA ILE A 278 16.55 2.66 6.39
C ILE A 278 17.83 2.93 7.19
N VAL A 279 18.76 2.02 6.93
CA VAL A 279 20.11 2.09 7.60
C VAL A 279 21.13 2.74 6.69
N ARG A 280 22.20 3.30 7.23
CA ARG A 280 23.23 3.97 6.41
C ARG A 280 24.47 3.09 6.21
N ARG A 281 24.94 3.28 5.00
CA ARG A 281 26.14 2.50 4.58
C ARG A 281 27.32 3.45 4.43
N ASN A 282 28.51 2.87 4.67
CA ASN A 282 29.73 3.70 4.49
C ASN A 282 29.93 3.92 2.97
N THR A 283 29.84 2.77 2.32
CA THR A 283 30.03 2.63 0.89
C THR A 283 29.15 1.61 0.19
N ILE A 284 28.81 2.01 -1.05
CA ILE A 284 28.01 1.04 -1.79
C ILE A 284 28.88 -0.18 -2.12
N THR A 285 30.15 0.01 -2.31
CA THR A 285 31.04 -1.05 -2.67
C THR A 285 31.08 -2.23 -1.75
N THR A 286 30.83 -2.11 -0.46
CA THR A 286 30.89 -3.36 0.36
C THR A 286 29.62 -3.45 1.18
N ALA A 287 29.01 -4.61 1.18
CA ALA A 287 27.78 -4.73 1.96
C ALA A 287 27.94 -5.38 3.34
N ASP B 11 5.25 -2.90 -32.03
CA ASP B 11 5.62 -1.57 -32.51
C ASP B 11 5.25 -0.55 -31.41
N ARG B 12 6.11 0.48 -31.34
CA ARG B 12 5.79 1.51 -30.35
C ARG B 12 4.75 2.55 -30.79
N ILE B 13 4.72 3.07 -32.02
CA ILE B 13 3.72 4.09 -32.33
C ILE B 13 2.34 3.88 -31.76
N MET B 14 1.66 4.94 -31.33
CA MET B 14 0.29 4.74 -30.82
C MET B 14 -0.64 5.85 -31.25
N GLN B 15 -1.89 5.50 -31.39
CA GLN B 15 -2.92 6.44 -31.80
C GLN B 15 -4.08 6.39 -30.83
N ILE B 16 -4.60 7.49 -30.41
CA ILE B 16 -5.73 7.34 -29.47
C ILE B 16 -6.78 8.32 -29.87
N THR B 17 -8.03 7.90 -29.86
CA THR B 17 -9.07 8.88 -30.27
C THR B 17 -10.14 8.76 -29.21
N ARG B 18 -10.48 9.94 -28.67
CA ARG B 18 -11.43 10.07 -27.57
C ARG B 18 -12.61 10.97 -27.83
N GLY B 19 -12.38 12.12 -28.41
CA GLY B 19 -13.64 12.89 -28.65
C GLY B 19 -13.65 13.06 -30.18
N ASP B 20 -13.62 14.34 -30.40
CA ASP B 20 -13.50 15.21 -31.53
C ASP B 20 -11.96 15.48 -31.57
N SER B 21 -11.34 14.87 -30.61
CA SER B 21 -9.93 14.82 -30.28
C SER B 21 -9.24 13.46 -30.45
N THR B 22 -8.01 13.54 -30.92
CA THR B 22 -7.09 12.43 -31.16
C THR B 22 -5.68 12.87 -30.74
N ILE B 23 -4.85 11.98 -30.31
CA ILE B 23 -3.48 12.19 -29.88
C ILE B 23 -2.58 11.16 -30.57
N SER B 24 -1.37 11.54 -30.95
CA SER B 24 -0.49 10.54 -31.60
C SER B 24 0.83 10.62 -30.82
N SER B 25 1.61 9.59 -30.99
CA SER B 25 2.90 9.32 -30.39
C SER B 25 3.79 8.33 -31.15
N ASP B 26 4.71 8.86 -31.92
CA ASP B 26 5.65 8.12 -32.75
C ASP B 26 6.64 7.23 -31.99
N ASP B 27 6.47 7.15 -30.69
CA ASP B 27 7.32 6.42 -29.75
C ASP B 27 6.60 6.20 -28.42
N VAL B 28 6.70 5.07 -27.74
CA VAL B 28 5.96 4.84 -26.48
C VAL B 28 6.46 3.56 -25.78
N ALA B 29 6.01 3.43 -24.54
CA ALA B 29 6.18 2.32 -23.62
C ALA B 29 4.70 1.91 -23.33
N ASN B 30 4.39 0.92 -24.15
CA ASN B 30 3.06 0.30 -24.18
C ASN B 30 2.00 1.27 -23.74
N ALA B 31 1.15 0.90 -22.83
CA ALA B 31 0.04 1.63 -22.24
C ALA B 31 -0.30 0.69 -21.08
N VAL B 32 -1.03 1.29 -20.17
CA VAL B 32 -1.36 0.48 -18.98
C VAL B 32 -2.80 0.70 -18.62
N VAL B 33 -3.39 -0.41 -18.26
CA VAL B 33 -4.81 -0.40 -17.83
C VAL B 33 -4.75 -0.70 -16.33
N GLY B 34 -5.26 0.25 -15.61
CA GLY B 34 -5.26 0.22 -14.16
C GLY B 34 -6.05 -0.97 -13.65
N TYR B 35 -5.35 -1.86 -13.00
CA TYR B 35 -5.89 -3.06 -12.37
C TYR B 35 -6.55 -4.07 -13.30
N GLY B 36 -6.05 -3.91 -14.51
CA GLY B 36 -6.38 -4.61 -15.74
C GLY B 36 -7.86 -4.50 -16.04
N VAL B 37 -8.47 -3.41 -15.66
CA VAL B 37 -9.90 -3.27 -15.91
C VAL B 37 -10.11 -2.06 -16.82
N TRP B 38 -10.98 -2.25 -17.78
CA TRP B 38 -11.29 -1.16 -18.70
C TRP B 38 -12.55 -0.49 -18.16
N PRO B 39 -12.43 0.82 -18.14
CA PRO B 39 -13.44 1.75 -17.71
C PRO B 39 -14.70 1.61 -18.58
N HIS B 40 -15.79 1.61 -17.87
CA HIS B 40 -17.12 1.49 -18.43
C HIS B 40 -18.18 2.05 -17.49
N TYR B 41 -19.40 2.01 -17.96
CA TYR B 41 -20.60 2.51 -17.33
C TYR B 41 -21.14 1.53 -16.31
N LEU B 42 -21.72 2.13 -15.32
CA LEU B 42 -22.38 1.52 -14.20
C LEU B 42 -23.62 0.71 -14.61
N THR B 43 -23.63 -0.42 -13.95
CA THR B 43 -24.54 -1.53 -13.96
C THR B 43 -25.62 -1.48 -12.89
N PRO B 44 -26.85 -1.76 -13.29
CA PRO B 44 -28.05 -1.80 -12.46
C PRO B 44 -27.98 -2.83 -11.32
N GLN B 45 -26.81 -3.39 -11.14
CA GLN B 45 -26.63 -4.37 -10.07
C GLN B 45 -25.94 -3.67 -8.90
N ASP B 46 -24.79 -3.11 -9.26
CA ASP B 46 -23.99 -2.43 -8.25
C ASP B 46 -24.56 -1.05 -8.00
N ALA B 47 -25.46 -0.62 -8.83
CA ALA B 47 -26.02 0.72 -8.61
C ALA B 47 -26.77 0.85 -7.30
N THR B 48 -27.14 2.10 -7.05
CA THR B 48 -27.90 2.51 -5.87
C THR B 48 -28.91 3.65 -5.98
N ALA B 49 -28.59 4.66 -6.75
CA ALA B 49 -29.33 5.89 -7.02
C ALA B 49 -30.65 5.63 -7.66
N ILE B 50 -31.54 6.47 -8.12
CA ILE B 50 -32.76 5.85 -8.72
C ILE B 50 -33.08 6.50 -10.03
N ASN B 51 -32.47 7.64 -10.22
CA ASN B 51 -32.68 8.50 -11.39
C ASN B 51 -31.82 8.01 -12.54
N LYS B 52 -32.20 8.44 -13.72
CA LYS B 52 -31.56 8.11 -14.98
C LYS B 52 -30.37 9.05 -15.13
N PRO B 53 -29.15 8.54 -15.06
CA PRO B 53 -27.93 9.33 -15.22
C PRO B 53 -27.80 10.03 -16.57
N THR B 54 -27.21 11.23 -16.59
CA THR B 54 -27.03 11.90 -17.89
C THR B 54 -25.65 11.41 -18.31
N GLN B 55 -25.58 10.94 -19.54
CA GLN B 55 -24.27 10.50 -20.03
C GLN B 55 -23.85 11.22 -21.30
N PRO B 56 -23.17 12.34 -21.11
CA PRO B 56 -22.61 13.17 -22.21
C PRO B 56 -21.53 12.25 -22.78
N ASP B 57 -21.73 12.16 -24.06
CA ASP B 57 -20.82 11.21 -24.77
C ASP B 57 -19.90 12.01 -25.61
N THR B 58 -18.62 11.80 -25.74
CA THR B 58 -17.96 12.67 -26.76
C THR B 58 -17.83 14.13 -26.38
N SER B 59 -18.94 14.78 -26.09
CA SER B 59 -18.95 16.22 -25.76
C SER B 59 -18.30 16.41 -24.40
N SER B 60 -18.27 15.27 -23.74
CA SER B 60 -17.72 15.32 -22.40
C SER B 60 -16.48 14.50 -22.18
N ASN B 61 -16.63 13.25 -22.54
CA ASN B 61 -15.45 12.34 -22.33
C ASN B 61 -14.64 12.38 -23.61
N ARG B 62 -13.81 13.39 -23.65
CA ARG B 62 -12.86 13.82 -24.66
C ARG B 62 -11.49 14.21 -24.08
N PHE B 63 -10.54 14.42 -24.96
CA PHE B 63 -9.17 14.80 -24.64
C PHE B 63 -8.75 16.23 -24.33
N TYR B 64 -8.98 16.60 -23.08
CA TYR B 64 -8.62 17.87 -22.43
C TYR B 64 -7.12 17.85 -22.06
N THR B 65 -6.50 18.93 -22.41
CA THR B 65 -5.07 19.07 -22.09
C THR B 65 -4.98 20.21 -21.09
N LEU B 66 -4.20 20.04 -20.04
CA LEU B 66 -3.99 20.99 -18.96
C LEU B 66 -2.92 22.02 -19.37
N GLU B 67 -2.50 22.70 -18.33
CA GLU B 67 -1.43 23.71 -18.29
C GLU B 67 -0.07 23.00 -18.35
N SER B 68 0.93 23.51 -19.05
CA SER B 68 2.18 22.75 -19.11
C SER B 68 3.14 23.19 -18.00
N LYS B 69 4.14 22.34 -17.86
CA LYS B 69 5.16 22.60 -16.84
C LYS B 69 6.57 22.39 -17.30
N HIS B 70 7.54 22.98 -16.63
CA HIS B 70 8.96 22.93 -16.88
C HIS B 70 9.71 21.82 -16.17
N TRP B 71 10.60 21.17 -16.92
CA TRP B 71 11.33 20.09 -16.16
C TRP B 71 12.76 20.61 -15.91
N ASN B 72 12.95 20.95 -14.62
CA ASN B 72 14.12 21.47 -13.96
C ASN B 72 15.14 20.48 -13.38
N GLY B 73 16.34 21.04 -13.19
CA GLY B 73 17.40 20.17 -12.58
C GLY B 73 17.28 20.36 -11.04
N SER B 74 16.25 21.19 -10.83
CA SER B 74 15.87 21.59 -9.48
C SER B 74 14.41 21.22 -9.30
N SER B 75 13.86 20.60 -10.34
CA SER B 75 12.45 20.22 -10.19
C SER B 75 12.44 19.10 -9.16
N LYS B 76 11.34 19.05 -8.44
CA LYS B 76 11.17 18.05 -7.37
C LYS B 76 10.01 17.09 -7.57
N GLY B 77 9.01 17.59 -8.29
CA GLY B 77 7.82 16.78 -8.58
C GLY B 77 6.55 17.60 -8.53
N TRP B 78 5.54 17.16 -9.25
CA TRP B 78 4.25 17.84 -9.32
C TRP B 78 3.08 16.86 -9.46
N TRP B 79 1.97 17.06 -8.80
CA TRP B 79 0.75 16.28 -8.82
C TRP B 79 -0.49 17.11 -9.20
N TRP B 80 -1.47 16.44 -9.72
CA TRP B 80 -2.80 16.85 -10.13
C TRP B 80 -3.78 15.79 -9.59
N LYS B 81 -4.90 16.28 -9.14
CA LYS B 81 -5.94 15.39 -8.61
C LYS B 81 -7.04 15.52 -9.67
N LEU B 82 -7.28 14.38 -10.27
CA LEU B 82 -8.25 14.20 -11.32
C LEU B 82 -9.69 14.66 -11.27
N PRO B 83 -10.46 14.23 -10.27
CA PRO B 83 -11.89 14.69 -10.31
C PRO B 83 -11.94 16.21 -10.40
N ASP B 84 -10.91 16.83 -9.91
CA ASP B 84 -10.54 18.19 -9.72
C ASP B 84 -9.76 18.83 -10.83
N ALA B 85 -8.86 18.18 -11.48
CA ALA B 85 -8.06 18.84 -12.53
C ALA B 85 -8.98 19.39 -13.59
N LEU B 86 -10.15 18.80 -13.82
CA LEU B 86 -11.05 19.31 -14.90
C LEU B 86 -12.27 20.06 -14.41
N LYS B 87 -12.12 20.69 -13.27
CA LYS B 87 -13.23 21.45 -12.68
C LYS B 87 -13.44 22.65 -13.57
N ASP B 88 -12.98 22.68 -14.80
CA ASP B 88 -13.17 23.87 -15.62
C ASP B 88 -13.28 23.60 -17.11
N MET B 89 -12.80 22.41 -17.34
CA MET B 89 -12.81 21.75 -18.67
C MET B 89 -14.31 21.67 -19.00
N GLY B 90 -14.72 22.40 -20.02
CA GLY B 90 -16.07 22.53 -20.56
C GLY B 90 -16.88 21.25 -20.69
N ILE B 91 -18.12 21.38 -20.26
CA ILE B 91 -19.10 20.32 -20.26
C ILE B 91 -18.70 19.43 -19.09
N PHE B 92 -17.89 18.45 -19.29
CA PHE B 92 -17.59 17.61 -18.11
C PHE B 92 -17.64 18.44 -16.83
N GLY B 93 -16.76 19.42 -16.82
CA GLY B 93 -16.60 20.30 -15.65
C GLY B 93 -17.71 21.27 -15.32
N GLU B 94 -18.89 21.03 -15.79
CA GLU B 94 -20.06 21.85 -15.57
C GLU B 94 -21.12 20.94 -15.00
N ASN B 95 -21.10 19.78 -15.56
CA ASN B 95 -21.95 18.64 -15.27
C ASN B 95 -21.55 18.16 -13.89
N MET B 96 -20.44 18.72 -13.52
CA MET B 96 -19.84 18.28 -12.26
C MET B 96 -20.44 18.96 -11.09
N TYR B 97 -20.68 20.19 -11.49
CA TYR B 97 -21.20 21.25 -10.63
C TYR B 97 -22.68 21.35 -10.55
N TYR B 98 -23.32 20.73 -11.49
CA TYR B 98 -24.79 20.72 -11.61
C TYR B 98 -25.44 19.50 -11.00
N HIS B 99 -24.59 18.51 -10.78
CA HIS B 99 -24.95 17.21 -10.24
C HIS B 99 -24.22 16.87 -8.97
N PHE B 100 -24.91 16.06 -8.21
CA PHE B 100 -24.36 15.58 -6.92
C PHE B 100 -23.45 14.38 -7.23
N LEU B 101 -24.08 13.37 -7.80
CA LEU B 101 -23.33 12.17 -8.18
C LEU B 101 -22.75 12.33 -9.59
N GLY B 102 -21.48 11.94 -9.58
CA GLY B 102 -20.62 11.93 -10.76
C GLY B 102 -19.78 10.66 -10.61
N ARG B 103 -19.54 10.06 -11.75
CA ARG B 103 -18.72 8.87 -11.85
C ARG B 103 -18.09 8.95 -13.26
N SER B 104 -16.83 8.55 -13.33
CA SER B 104 -16.06 8.55 -14.56
C SER B 104 -14.64 7.98 -14.39
N GLY B 105 -14.18 7.43 -15.49
CA GLY B 105 -12.84 6.88 -15.61
C GLY B 105 -12.06 7.79 -16.58
N TYR B 106 -10.75 7.67 -16.59
CA TYR B 106 -9.84 8.43 -17.41
C TYR B 106 -8.74 7.68 -18.14
N THR B 107 -8.04 8.36 -19.00
CA THR B 107 -6.93 8.17 -19.88
C THR B 107 -5.94 9.32 -19.64
N VAL B 108 -4.74 9.00 -19.30
CA VAL B 108 -3.75 10.02 -19.01
C VAL B 108 -2.63 9.99 -20.04
N HIS B 109 -2.53 11.00 -20.88
CA HIS B 109 -1.42 11.04 -21.84
C HIS B 109 -0.39 12.05 -21.35
N VAL B 110 0.74 11.51 -20.93
CA VAL B 110 1.84 12.35 -20.42
C VAL B 110 2.91 12.48 -21.49
N GLN B 111 3.04 13.63 -22.09
CA GLN B 111 4.01 13.97 -23.14
C GLN B 111 5.16 14.76 -22.54
N CYS B 112 6.40 14.48 -22.92
CA CYS B 112 7.60 15.15 -22.41
C CYS B 112 8.76 14.79 -23.36
N ASN B 113 8.99 15.55 -24.39
CA ASN B 113 10.10 15.14 -25.27
C ASN B 113 11.24 16.14 -25.04
N ALA B 114 12.34 15.78 -25.60
CA ALA B 114 13.61 16.49 -25.56
C ALA B 114 14.34 15.69 -26.62
N SER B 115 15.62 15.70 -26.70
CA SER B 115 16.40 14.93 -27.66
C SER B 115 17.04 13.65 -27.16
N LYS B 116 17.63 12.95 -28.11
CA LYS B 116 18.40 11.73 -27.79
C LYS B 116 19.76 12.13 -27.19
N PHE B 117 19.91 13.39 -26.86
CA PHE B 117 21.20 13.81 -26.28
C PHE B 117 21.00 14.28 -24.84
N HIS B 118 19.78 14.14 -24.43
CA HIS B 118 19.24 14.43 -23.12
C HIS B 118 19.21 13.13 -22.30
N GLN B 119 19.13 13.29 -21.01
CA GLN B 119 19.11 12.14 -20.07
C GLN B 119 18.16 12.63 -19.01
N GLY B 120 17.20 11.84 -18.64
CA GLY B 120 16.18 12.15 -17.62
C GLY B 120 15.25 10.94 -17.49
N THR B 121 14.56 10.89 -16.40
CA THR B 121 13.61 9.87 -16.01
C THR B 121 12.47 10.35 -15.15
N LEU B 122 11.26 10.17 -15.65
CA LEU B 122 10.07 10.56 -14.88
C LEU B 122 9.23 9.34 -14.50
N LEU B 123 8.84 9.32 -13.25
CA LEU B 123 8.01 8.21 -12.77
C LEU B 123 6.58 8.77 -12.73
N VAL B 124 5.67 8.14 -13.43
CA VAL B 124 4.27 8.59 -13.47
C VAL B 124 3.44 7.52 -12.78
N ALA B 125 2.50 7.89 -11.96
CA ALA B 125 1.67 6.95 -11.23
C ALA B 125 0.32 7.51 -10.86
N MET B 126 -0.68 6.69 -10.80
CA MET B 126 -2.03 7.15 -10.42
C MET B 126 -2.24 6.53 -9.06
N ILE B 127 -3.09 7.05 -8.22
CA ILE B 127 -3.22 6.44 -6.92
C ILE B 127 -4.62 6.50 -6.40
N PRO B 128 -5.22 5.38 -6.08
CA PRO B 128 -6.58 5.44 -5.49
C PRO B 128 -6.43 6.09 -4.12
N GLU B 129 -7.40 6.80 -3.63
CA GLU B 129 -7.45 7.52 -2.35
C GLU B 129 -6.08 7.90 -1.81
N HIS B 130 -5.56 9.05 -2.26
CA HIS B 130 -4.26 9.56 -1.91
C HIS B 130 -4.30 10.59 -0.80
N GLN B 131 -4.70 10.09 0.36
CA GLN B 131 -4.81 10.94 1.56
C GLN B 131 -3.41 11.49 1.87
N LEU B 132 -3.17 12.76 1.56
CA LEU B 132 -1.89 13.42 1.81
C LEU B 132 -1.83 13.76 3.31
N ALA B 133 -0.59 14.01 3.69
CA ALA B 133 -0.23 14.34 5.07
C ALA B 133 0.16 15.81 5.15
N SER B 134 -0.13 16.36 6.34
CA SER B 134 0.27 17.77 6.54
C SER B 134 1.73 17.75 7.03
N ALA B 135 2.30 18.81 6.46
CA ALA B 135 3.68 19.23 6.64
C ALA B 135 4.08 19.60 8.06
N LYS B 136 3.02 19.88 8.79
CA LYS B 136 3.07 20.28 10.21
C LYS B 136 2.61 19.15 11.10
N HIS B 137 3.34 18.98 12.18
CA HIS B 137 2.91 17.89 13.10
C HIS B 137 1.56 18.21 13.71
N GLY B 138 0.74 17.20 14.02
CA GLY B 138 -0.56 17.42 14.67
C GLY B 138 -1.62 16.54 14.04
N SER B 139 -2.84 16.95 14.23
CA SER B 139 -4.04 16.26 13.75
C SER B 139 -4.78 17.10 12.75
N VAL B 140 -4.07 18.11 12.29
CA VAL B 140 -4.69 19.07 11.31
C VAL B 140 -4.42 18.51 9.92
N THR B 141 -5.52 18.29 9.27
CA THR B 141 -5.46 17.68 7.93
C THR B 141 -5.26 18.70 6.88
N ALA B 142 -4.73 18.27 5.76
CA ALA B 142 -4.56 19.27 4.67
C ALA B 142 -5.89 19.97 4.46
N GLY B 143 -5.87 21.20 4.00
CA GLY B 143 -7.03 22.06 3.67
C GLY B 143 -7.68 21.66 2.33
N TYR B 144 -8.90 22.11 2.12
CA TYR B 144 -9.66 21.75 0.89
C TYR B 144 -8.89 22.39 -0.24
N LYS B 145 -9.09 23.66 -0.31
CA LYS B 145 -8.59 24.66 -1.22
C LYS B 145 -7.15 24.43 -1.66
N LEU B 146 -6.45 23.52 -0.97
CA LEU B 146 -5.05 23.27 -1.40
C LEU B 146 -4.94 21.85 -1.97
N THR B 147 -5.97 21.07 -1.90
CA THR B 147 -5.87 19.73 -2.51
C THR B 147 -6.80 19.79 -3.74
N HIS B 148 -7.12 21.06 -4.00
CA HIS B 148 -8.02 21.35 -5.10
C HIS B 148 -7.49 22.40 -6.06
N PRO B 149 -6.23 22.22 -6.36
CA PRO B 149 -5.50 23.08 -7.32
C PRO B 149 -6.18 23.18 -8.68
N GLY B 150 -6.36 22.20 -9.55
CA GLY B 150 -7.07 22.50 -10.83
C GLY B 150 -6.08 22.14 -11.92
N GLU B 151 -6.30 22.60 -13.11
CA GLU B 151 -5.38 22.28 -14.22
C GLU B 151 -3.94 22.42 -13.82
N ALA B 152 -3.71 23.56 -13.20
CA ALA B 152 -2.41 23.95 -12.68
C ALA B 152 -1.64 22.96 -11.82
N GLY B 153 -2.27 22.03 -11.15
CA GLY B 153 -1.57 21.08 -10.30
C GLY B 153 -0.93 21.72 -9.08
N ARG B 154 -0.07 21.01 -8.36
CA ARG B 154 0.63 21.45 -7.16
C ARG B 154 2.05 20.94 -7.19
N ASP B 155 2.89 21.49 -6.38
CA ASP B 155 4.25 21.48 -5.90
C ASP B 155 5.17 22.32 -6.79
N VAL B 156 5.83 21.59 -7.65
CA VAL B 156 6.79 22.19 -8.62
C VAL B 156 8.20 22.13 -7.96
N SER B 157 8.11 22.72 -6.80
CA SER B 157 9.01 23.03 -5.73
C SER B 157 8.67 24.49 -5.43
N GLN B 158 7.54 24.52 -4.72
CA GLN B 158 7.11 25.88 -4.42
C GLN B 158 7.04 26.14 -2.93
N GLU B 159 6.96 27.43 -2.76
CA GLU B 159 6.86 28.21 -1.54
C GLU B 159 5.42 28.64 -1.25
N ARG B 160 5.19 28.60 0.10
CA ARG B 160 3.81 28.98 0.54
C ARG B 160 3.55 29.21 2.01
N ASP B 161 2.41 29.80 2.40
CA ASP B 161 2.02 30.09 3.80
C ASP B 161 1.97 28.80 4.62
N ALA B 162 2.57 29.00 5.78
CA ALA B 162 2.58 27.76 6.64
C ALA B 162 1.41 27.83 7.60
N SER B 163 0.65 28.91 7.32
CA SER B 163 -0.59 29.14 8.12
C SER B 163 -1.74 28.21 7.61
N LEU B 164 -1.49 27.89 6.33
CA LEU B 164 -2.45 27.03 5.65
C LEU B 164 -2.11 25.58 6.06
N ARG B 165 -3.27 24.94 6.29
CA ARG B 165 -3.30 23.51 6.68
C ARG B 165 -2.93 22.86 5.32
N GLN B 166 -1.68 23.01 5.03
CA GLN B 166 -0.85 22.69 3.91
C GLN B 166 -0.27 21.30 3.96
N PRO B 167 -0.37 20.62 2.85
CA PRO B 167 0.14 19.26 2.76
C PRO B 167 1.66 19.31 2.69
N SER B 168 2.16 18.12 2.59
CA SER B 168 3.57 17.76 2.46
C SER B 168 3.93 17.78 0.98
N ASP B 169 4.81 18.71 0.72
CA ASP B 169 5.53 19.13 -0.49
C ASP B 169 6.71 18.11 -0.61
N ASP B 170 6.74 17.30 0.46
CA ASP B 170 7.67 16.16 0.68
C ASP B 170 7.44 15.00 -0.32
N SER B 171 8.41 14.72 -1.17
CA SER B 171 8.21 13.65 -2.16
C SER B 171 8.54 12.21 -1.79
N TRP B 172 9.75 11.90 -1.40
CA TRP B 172 10.34 10.63 -1.02
C TRP B 172 9.50 9.80 -0.06
N LEU B 173 8.61 10.50 0.62
CA LEU B 173 7.73 9.84 1.59
C LEU B 173 6.39 9.62 0.92
N ASN B 174 6.33 10.07 -0.33
CA ASN B 174 5.10 9.86 -1.10
C ASN B 174 4.06 10.86 -0.66
N PHE B 175 4.37 11.82 0.15
CA PHE B 175 3.36 12.81 0.57
C PHE B 175 2.35 12.22 1.55
N ASP B 176 2.44 10.90 1.63
CA ASP B 176 1.56 10.12 2.48
C ASP B 176 2.50 9.39 3.40
N GLY B 177 3.80 9.41 3.22
CA GLY B 177 4.64 8.69 4.20
C GLY B 177 4.65 7.18 4.11
N THR B 178 5.14 6.80 2.94
CA THR B 178 5.35 5.48 2.35
C THR B 178 6.54 5.62 1.41
N LEU B 179 7.67 5.05 1.69
CA LEU B 179 8.83 5.21 0.80
C LEU B 179 8.49 5.11 -0.69
N LEU B 180 8.54 6.27 -1.35
CA LEU B 180 8.28 6.36 -2.79
C LEU B 180 9.14 5.23 -3.37
N GLY B 181 8.72 4.39 -4.26
CA GLY B 181 9.68 3.36 -4.71
C GLY B 181 8.95 2.05 -4.46
N ASN B 182 7.91 2.23 -3.69
CA ASN B 182 7.01 1.10 -3.34
C ASN B 182 5.70 1.57 -4.01
N LEU B 183 5.91 2.75 -4.55
CA LEU B 183 4.88 3.50 -5.22
C LEU B 183 4.60 2.74 -6.49
N LEU B 184 5.53 1.90 -6.84
CA LEU B 184 5.43 1.10 -8.07
C LEU B 184 4.28 0.12 -8.04
N ILE B 185 3.65 0.07 -6.90
CA ILE B 185 2.49 -0.77 -6.59
C ILE B 185 1.26 -0.14 -7.21
N PHE B 186 1.27 1.16 -7.30
CA PHE B 186 0.15 1.89 -7.92
C PHE B 186 0.43 1.74 -9.42
N PRO B 187 -0.64 1.91 -10.17
CA PRO B 187 -0.54 1.78 -11.67
C PRO B 187 0.45 2.83 -12.08
N HIS B 188 1.45 2.48 -12.86
CA HIS B 188 2.50 3.40 -13.31
C HIS B 188 3.32 3.03 -14.53
N GLN B 189 4.29 3.84 -14.80
CA GLN B 189 5.28 3.76 -15.86
C GLN B 189 6.18 5.00 -15.73
N PHE B 190 7.27 4.95 -16.43
CA PHE B 190 8.26 6.03 -16.44
C PHE B 190 8.31 6.59 -17.86
N ILE B 191 9.14 7.63 -17.91
CA ILE B 191 9.45 8.36 -19.12
C ILE B 191 10.97 8.54 -19.19
N ASN B 192 11.64 7.50 -19.56
CA ASN B 192 13.11 7.46 -19.73
C ASN B 192 13.38 8.06 -21.11
N LEU B 193 13.76 9.31 -21.09
CA LEU B 193 14.02 10.10 -22.29
C LEU B 193 14.86 9.43 -23.36
N ARG B 194 15.37 8.24 -23.06
CA ARG B 194 16.26 7.54 -24.00
C ARG B 194 15.54 6.46 -24.79
N SER B 195 14.30 6.23 -24.40
CA SER B 195 13.50 5.22 -25.11
C SER B 195 12.09 5.76 -25.28
N ASN B 196 11.55 6.20 -24.19
CA ASN B 196 10.21 6.78 -24.05
C ASN B 196 9.98 8.17 -24.64
N ASN B 197 8.72 8.60 -24.63
CA ASN B 197 8.33 9.92 -25.14
C ASN B 197 7.18 10.50 -24.34
N SER B 198 6.34 9.59 -23.94
CA SER B 198 5.13 9.69 -23.18
C SER B 198 4.98 8.54 -22.18
N ALA B 199 3.78 8.55 -21.63
CA ALA B 199 3.31 7.57 -20.66
C ALA B 199 1.79 7.67 -20.81
N THR B 200 1.27 6.46 -20.90
CA THR B 200 -0.19 6.33 -21.03
C THR B 200 -0.83 5.43 -20.01
N LEU B 201 -1.62 6.03 -19.16
CA LEU B 201 -2.38 5.38 -18.11
C LEU B 201 -3.84 5.53 -18.52
N ILE B 202 -4.61 4.49 -18.35
CA ILE B 202 -6.03 4.31 -18.60
C ILE B 202 -6.52 3.78 -17.26
N VAL B 203 -7.62 4.27 -16.78
CA VAL B 203 -8.02 3.77 -15.43
C VAL B 203 -9.50 3.78 -15.17
N PRO B 204 -10.05 2.65 -14.74
CA PRO B 204 -11.47 2.54 -14.41
C PRO B 204 -11.82 3.32 -13.16
N TYR B 205 -13.05 3.21 -12.69
CA TYR B 205 -13.58 3.91 -11.51
C TYR B 205 -13.44 3.09 -10.24
N VAL B 206 -12.53 3.43 -9.35
CA VAL B 206 -12.39 2.63 -8.12
C VAL B 206 -12.85 3.43 -6.92
N ASN B 207 -13.79 2.85 -6.17
CA ASN B 207 -14.37 3.45 -4.94
C ASN B 207 -15.41 2.64 -4.22
N ALA B 208 -15.46 2.39 -2.93
CA ALA B 208 -16.53 1.60 -2.30
C ALA B 208 -17.97 2.02 -2.60
N VAL B 209 -18.21 2.99 -3.43
CA VAL B 209 -19.52 3.48 -3.81
C VAL B 209 -19.62 3.73 -5.33
N PRO B 210 -20.76 3.31 -5.81
CA PRO B 210 -21.17 3.34 -7.21
C PRO B 210 -21.04 4.65 -7.94
N MET B 211 -21.16 5.73 -7.22
CA MET B 211 -21.03 7.10 -7.77
C MET B 211 -20.78 7.99 -6.54
N ASP B 212 -19.69 8.72 -6.56
CA ASP B 212 -19.37 9.61 -5.42
C ASP B 212 -19.62 11.03 -5.90
N SER B 213 -19.32 11.94 -5.00
CA SER B 213 -19.38 13.40 -5.06
C SER B 213 -18.17 13.86 -5.84
N MET B 214 -18.43 14.47 -6.98
CA MET B 214 -17.27 14.86 -7.79
C MET B 214 -16.53 16.03 -7.14
N LEU B 215 -17.19 16.61 -6.14
CA LEU B 215 -16.59 17.78 -5.51
C LEU B 215 -15.85 17.43 -4.23
N ARG B 216 -16.44 16.67 -3.35
CA ARG B 216 -15.78 16.40 -2.10
C ARG B 216 -14.68 15.36 -2.11
N HIS B 217 -14.89 14.51 -3.07
CA HIS B 217 -14.00 13.38 -3.23
C HIS B 217 -13.34 13.24 -4.56
N ASN B 218 -12.05 13.17 -4.53
CA ASN B 218 -11.16 12.99 -5.69
C ASN B 218 -10.74 11.53 -5.55
N ASN B 219 -11.15 10.67 -6.44
CA ASN B 219 -10.85 9.21 -6.38
C ASN B 219 -9.40 8.91 -6.82
N TRP B 220 -9.09 9.47 -8.00
CA TRP B 220 -7.77 9.36 -8.58
C TRP B 220 -7.07 10.73 -8.41
N CYS B 221 -5.84 10.44 -8.10
CA CYS B 221 -4.65 11.25 -7.82
C CYS B 221 -3.49 10.71 -8.66
N LEU B 222 -2.89 11.62 -9.39
CA LEU B 222 -1.77 11.38 -10.29
C LEU B 222 -0.53 12.15 -9.89
N VAL B 223 0.55 11.43 -9.95
CA VAL B 223 1.86 11.94 -9.56
C VAL B 223 2.92 11.77 -10.62
N ILE B 224 3.75 12.75 -10.84
CA ILE B 224 4.84 12.56 -11.81
C ILE B 224 6.08 13.01 -11.05
N ILE B 225 7.09 12.18 -10.93
CA ILE B 225 8.29 12.51 -10.16
C ILE B 225 9.62 12.23 -10.86
N PRO B 226 10.37 13.31 -10.96
CA PRO B 226 11.68 13.22 -11.62
C PRO B 226 12.48 12.30 -10.72
N ILE B 227 13.00 11.24 -11.32
CA ILE B 227 13.80 10.29 -10.56
C ILE B 227 15.24 10.62 -10.96
N SER B 228 15.55 10.42 -12.21
CA SER B 228 16.94 10.80 -12.55
C SER B 228 16.76 12.15 -13.22
N PRO B 229 17.39 13.12 -12.60
CA PRO B 229 17.44 14.53 -13.01
C PRO B 229 17.86 14.77 -14.47
N LEU B 230 17.10 15.70 -15.03
CA LEU B 230 17.31 16.08 -16.44
C LEU B 230 18.74 16.50 -16.69
N ARG B 231 19.45 15.96 -17.68
CA ARG B 231 20.85 16.38 -17.91
C ARG B 231 21.19 16.49 -19.38
N SER B 232 21.35 17.70 -19.87
CA SER B 232 21.71 17.99 -21.26
C SER B 232 23.09 18.70 -21.10
N GLU B 233 23.49 19.20 -22.23
CA GLU B 233 24.78 19.91 -22.32
C GLU B 233 24.56 21.08 -23.24
N THR B 234 23.28 21.35 -23.40
CA THR B 234 22.76 22.43 -24.25
C THR B 234 22.54 23.69 -23.41
N THR B 235 22.20 24.67 -24.25
CA THR B 235 21.78 26.03 -23.89
C THR B 235 20.50 25.89 -23.04
N SER B 236 20.54 26.47 -21.85
CA SER B 236 19.36 26.41 -20.95
C SER B 236 18.21 27.31 -21.40
N SER B 237 18.28 27.57 -22.69
CA SER B 237 17.38 28.30 -23.61
C SER B 237 16.44 27.15 -24.09
N ASN B 238 17.03 25.94 -24.00
CA ASN B 238 16.29 24.71 -24.32
C ASN B 238 15.56 24.33 -23.02
N ILE B 239 14.27 24.53 -23.20
CA ILE B 239 13.31 24.23 -22.11
C ILE B 239 12.59 22.94 -22.51
N VAL B 240 12.48 22.04 -21.53
CA VAL B 240 11.81 20.76 -21.84
C VAL B 240 10.61 20.67 -20.90
N PRO B 241 9.49 21.11 -21.48
CA PRO B 241 8.21 21.06 -20.78
C PRO B 241 7.86 19.58 -20.57
N ILE B 242 6.77 19.34 -19.91
CA ILE B 242 5.96 18.27 -19.47
C ILE B 242 4.52 18.80 -19.54
N THR B 243 3.80 18.10 -20.39
CA THR B 243 2.38 18.36 -20.71
C THR B 243 1.52 17.13 -20.43
N VAL B 244 0.44 17.37 -19.70
CA VAL B 244 -0.52 16.33 -19.36
C VAL B 244 -1.86 16.53 -20.11
N SER B 245 -2.39 15.44 -20.64
CA SER B 245 -3.69 15.53 -21.35
C SER B 245 -4.60 14.47 -20.73
N ILE B 246 -5.85 14.85 -20.50
CA ILE B 246 -6.78 13.88 -19.92
C ILE B 246 -8.14 13.77 -20.58
N SER B 247 -8.69 12.58 -20.48
CA SER B 247 -9.98 12.22 -21.06
C SER B 247 -10.91 11.42 -20.15
N PRO B 248 -11.95 12.14 -19.71
CA PRO B 248 -12.95 11.45 -18.89
C PRO B 248 -13.34 10.40 -19.96
N MET B 249 -13.74 9.26 -19.46
CA MET B 249 -14.21 8.12 -20.26
C MET B 249 -15.46 7.60 -19.54
N CYS B 250 -16.47 7.22 -20.27
CA CYS B 250 -17.67 6.66 -19.59
C CYS B 250 -18.20 7.49 -18.41
N ALA B 251 -18.07 8.79 -18.69
CA ALA B 251 -18.57 9.73 -17.66
C ALA B 251 -20.08 9.41 -17.58
N GLU B 252 -20.61 9.58 -16.40
CA GLU B 252 -22.03 9.36 -16.03
C GLU B 252 -22.26 10.31 -14.87
N PHE B 253 -23.34 11.00 -14.84
CA PHE B 253 -23.73 11.97 -13.83
C PHE B 253 -25.17 11.76 -13.44
N SER B 254 -25.57 12.40 -12.36
CA SER B 254 -26.95 12.30 -11.84
C SER B 254 -27.11 13.03 -10.51
N GLY B 255 -28.34 13.40 -10.22
CA GLY B 255 -28.62 14.15 -8.98
C GLY B 255 -28.39 15.65 -9.39
N ALA B 256 -29.23 15.96 -10.36
CA ALA B 256 -29.39 17.23 -11.06
C ALA B 256 -30.00 18.26 -10.09
N ARG B 257 -29.72 19.52 -10.34
CA ARG B 257 -30.28 20.54 -9.42
C ARG B 257 -29.68 21.89 -9.72
N ALA B 258 -29.81 22.80 -8.78
CA ALA B 258 -29.24 24.15 -8.92
C ALA B 258 -27.88 24.12 -9.57
N LYS B 259 -26.79 24.34 -8.89
CA LYS B 259 -25.40 24.40 -9.34
C LYS B 259 -24.60 24.81 -8.09
N ASN B 260 -23.49 24.12 -7.93
CA ASN B 260 -22.61 24.40 -6.78
C ASN B 260 -22.01 25.77 -7.17
N ILE B 261 -20.86 25.96 -6.58
CA ILE B 261 -20.10 27.23 -6.76
C ILE B 261 -18.58 27.01 -6.81
N LYS B 262 -18.04 27.91 -7.62
CA LYS B 262 -16.56 27.86 -7.83
C LYS B 262 -15.86 28.33 -6.56
N GLN B 263 -14.61 27.83 -6.46
CA GLN B 263 -13.79 28.09 -5.25
C GLN B 263 -12.31 27.99 -5.59
N GLY C 1 -26.89 -35.54 31.19
CA GLY C 1 -26.72 -35.64 29.73
C GLY C 1 -25.39 -36.24 29.32
N LEU C 2 -24.92 -35.84 28.16
CA LEU C 2 -23.67 -36.35 27.64
C LEU C 2 -22.50 -36.23 28.59
N PRO C 3 -22.11 -37.35 29.13
CA PRO C 3 -20.95 -37.46 30.05
C PRO C 3 -19.79 -36.92 29.20
N VAL C 4 -19.32 -35.74 29.60
CA VAL C 4 -18.26 -35.08 28.85
C VAL C 4 -17.07 -34.84 29.74
N TYR C 5 -15.93 -34.68 29.11
CA TYR C 5 -14.66 -34.43 29.79
C TYR C 5 -14.13 -33.18 29.12
N ILE C 6 -13.82 -32.16 29.89
CA ILE C 6 -13.31 -30.84 29.49
C ILE C 6 -11.79 -30.96 29.44
N THR C 7 -11.34 -30.72 28.25
CA THR C 7 -9.95 -30.85 27.93
C THR C 7 -9.09 -29.64 28.20
N PRO C 8 -7.86 -30.00 28.55
CA PRO C 8 -6.78 -29.03 28.79
C PRO C 8 -6.55 -28.26 27.50
N GLY C 9 -6.86 -27.00 27.54
CA GLY C 9 -6.78 -25.92 26.61
C GLY C 9 -8.04 -25.06 26.63
N SER C 10 -8.97 -25.72 27.26
CA SER C 10 -10.36 -25.30 27.47
C SER C 10 -10.40 -23.99 28.22
N GLY C 11 -11.20 -23.09 27.64
CA GLY C 11 -11.35 -21.77 28.28
C GLY C 11 -10.25 -20.81 27.90
N GLN C 12 -9.20 -21.32 27.28
CA GLN C 12 -8.12 -20.38 26.92
C GLN C 12 -8.60 -19.46 25.81
N PHE C 13 -7.72 -18.64 25.31
CA PHE C 13 -7.84 -17.66 24.25
C PHE C 13 -6.50 -17.59 23.50
N MET C 14 -6.62 -17.70 22.21
CA MET C 14 -5.52 -17.69 21.25
C MET C 14 -5.82 -16.70 20.15
N THR C 15 -4.80 -15.89 19.97
CA THR C 15 -4.92 -14.79 18.96
C THR C 15 -4.90 -15.44 17.58
N THR C 16 -4.82 -16.79 17.61
CA THR C 16 -4.70 -17.54 16.33
C THR C 16 -5.63 -18.71 16.19
N ASP C 17 -6.90 -18.51 16.52
CA ASP C 17 -7.78 -19.70 16.44
C ASP C 17 -9.04 -19.50 15.64
N ASP C 18 -9.39 -20.65 15.06
CA ASP C 18 -10.61 -20.63 14.22
C ASP C 18 -11.76 -21.24 15.02
N MET C 19 -12.64 -20.38 15.49
CA MET C 19 -13.86 -20.65 16.22
C MET C 19 -14.92 -19.57 15.92
N GLN C 20 -16.14 -20.08 16.04
CA GLN C 20 -17.39 -19.29 15.83
C GLN C 20 -17.82 -18.52 17.08
N SER C 21 -18.62 -17.48 16.93
CA SER C 21 -19.05 -16.64 18.09
C SER C 21 -20.43 -16.09 17.78
N PRO C 22 -21.30 -16.09 18.77
CA PRO C 22 -22.67 -15.60 18.57
C PRO C 22 -22.58 -14.28 17.89
N CYS C 23 -23.27 -14.05 16.82
CA CYS C 23 -23.18 -12.71 16.18
C CYS C 23 -24.21 -11.73 16.77
N ALA C 24 -23.75 -10.68 17.47
CA ALA C 24 -24.63 -9.64 18.04
C ALA C 24 -25.33 -9.01 16.87
N LEU C 25 -26.41 -8.29 16.84
CA LEU C 25 -26.89 -7.79 15.52
C LEU C 25 -27.45 -8.89 14.61
N PRO C 26 -28.28 -9.74 15.16
CA PRO C 26 -28.89 -10.83 14.43
C PRO C 26 -29.81 -10.12 13.43
N TRP C 27 -29.98 -10.87 12.36
CA TRP C 27 -30.80 -10.49 11.24
C TRP C 27 -30.19 -9.29 10.53
N TYR C 28 -28.89 -9.21 10.35
CA TYR C 28 -28.42 -7.95 9.67
C TYR C 28 -27.93 -8.42 8.31
N HIS C 29 -28.41 -7.74 7.31
CA HIS C 29 -28.12 -7.99 5.90
C HIS C 29 -27.23 -6.82 5.42
N PRO C 30 -25.93 -7.09 5.46
CA PRO C 30 -24.92 -6.16 5.03
C PRO C 30 -25.06 -5.63 3.61
N THR C 31 -24.57 -4.39 3.52
CA THR C 31 -24.55 -3.68 2.24
C THR C 31 -23.99 -4.69 1.23
N LYS C 32 -24.63 -4.61 0.08
CA LYS C 32 -24.22 -5.56 -0.98
C LYS C 32 -22.76 -5.27 -1.28
N GLU C 33 -22.14 -6.18 -1.99
CA GLU C 33 -20.71 -5.92 -2.27
C GLU C 33 -20.53 -5.59 -3.72
N ILE C 34 -20.52 -4.33 -4.08
CA ILE C 34 -20.37 -4.00 -5.50
C ILE C 34 -18.97 -4.42 -5.94
N SER C 35 -18.94 -4.38 -7.24
CA SER C 35 -17.76 -4.73 -8.07
C SER C 35 -16.68 -3.68 -7.90
N ILE C 36 -15.42 -3.98 -7.69
CA ILE C 36 -14.31 -3.07 -7.53
C ILE C 36 -13.03 -3.64 -8.20
N PRO C 37 -12.56 -2.85 -9.16
CA PRO C 37 -11.41 -3.18 -9.97
C PRO C 37 -10.16 -3.16 -9.11
N GLY C 38 -9.65 -4.38 -9.08
CA GLY C 38 -8.41 -4.75 -8.42
C GLY C 38 -8.65 -5.10 -6.98
N GLU C 39 -8.61 -6.36 -6.70
CA GLU C 39 -8.79 -7.00 -5.40
C GLU C 39 -7.63 -8.02 -5.37
N VAL C 40 -7.00 -8.17 -4.23
CA VAL C 40 -5.91 -9.10 -4.00
C VAL C 40 -6.53 -10.30 -3.30
N LYS C 41 -5.76 -11.36 -3.35
CA LYS C 41 -6.13 -12.64 -2.70
C LYS C 41 -4.92 -13.34 -2.08
N ASN C 42 -3.76 -12.83 -2.42
CA ASN C 42 -2.48 -13.36 -1.99
C ASN C 42 -1.31 -12.39 -2.01
N LEU C 43 -0.72 -12.33 -0.83
CA LEU C 43 0.43 -11.45 -0.66
C LEU C 43 1.32 -11.62 -1.88
N ILE C 44 1.47 -12.86 -2.22
CA ILE C 44 2.35 -13.20 -3.36
C ILE C 44 2.28 -12.16 -4.45
N GLU C 45 1.11 -11.93 -4.96
CA GLU C 45 0.88 -10.97 -6.01
C GLU C 45 1.72 -9.72 -5.84
N MET C 46 1.67 -9.10 -4.69
CA MET C 46 2.39 -7.90 -4.30
C MET C 46 3.90 -8.01 -4.29
N CYS C 47 4.25 -9.25 -4.07
CA CYS C 47 5.62 -9.75 -4.00
C CYS C 47 6.21 -9.96 -5.38
N GLN C 48 5.33 -10.05 -6.34
CA GLN C 48 5.83 -10.26 -7.71
C GLN C 48 5.98 -8.98 -8.50
N VAL C 49 5.62 -7.89 -7.89
CA VAL C 49 5.69 -6.57 -8.52
C VAL C 49 6.97 -5.93 -8.03
N ASP C 50 7.78 -5.55 -8.97
CA ASP C 50 9.04 -4.90 -8.65
C ASP C 50 8.79 -3.43 -8.23
N THR C 51 9.31 -3.29 -7.04
CA THR C 51 9.41 -2.11 -6.20
C THR C 51 10.89 -1.71 -6.34
N LEU C 52 11.21 -0.43 -6.25
CA LEU C 52 12.55 0.18 -6.34
C LEU C 52 13.41 -0.02 -5.08
N ILE C 53 14.71 -0.12 -5.36
CA ILE C 53 15.68 -0.33 -4.31
C ILE C 53 16.62 0.82 -3.93
N PRO C 54 16.53 1.13 -2.64
CA PRO C 54 17.39 2.18 -2.01
C PRO C 54 18.78 1.56 -2.08
N VAL C 55 19.82 2.10 -2.67
CA VAL C 55 21.03 1.20 -2.66
C VAL C 55 22.15 2.17 -2.39
N ASN C 56 21.82 3.38 -2.86
CA ASN C 56 22.75 4.49 -2.65
C ASN C 56 22.50 4.90 -1.18
N ASN C 57 22.46 3.90 -0.37
CA ASN C 57 22.33 3.60 1.02
C ASN C 57 23.38 4.35 1.84
N VAL C 58 23.76 5.48 1.26
CA VAL C 58 24.82 6.37 1.72
C VAL C 58 24.52 7.77 2.21
N GLY C 59 25.01 7.95 3.42
CA GLY C 59 24.97 9.10 4.31
C GLY C 59 23.88 10.10 4.08
N ASN C 60 24.23 11.26 3.56
CA ASN C 60 23.29 12.38 3.30
C ASN C 60 22.21 12.06 2.27
N ASN C 61 22.60 11.18 1.37
CA ASN C 61 21.75 10.69 0.28
C ASN C 61 20.40 10.08 0.69
N VAL C 62 20.57 9.21 1.65
CA VAL C 62 19.60 8.41 2.35
C VAL C 62 18.31 9.14 2.65
N GLY C 63 18.27 10.24 3.34
CA GLY C 63 16.89 10.80 3.54
C GLY C 63 16.21 11.40 2.32
N ASN C 64 16.89 11.48 1.19
CA ASN C 64 16.43 12.04 -0.06
C ASN C 64 15.93 11.02 -1.06
N VAL C 65 15.92 11.24 -2.36
CA VAL C 65 15.43 10.29 -3.35
C VAL C 65 16.63 9.59 -3.96
N SER C 66 17.61 10.32 -4.35
CA SER C 66 18.88 9.85 -4.90
C SER C 66 19.25 8.45 -4.40
N MET C 67 18.90 8.26 -3.17
CA MET C 67 18.99 7.09 -2.32
C MET C 67 18.54 5.85 -3.09
N TYR C 68 18.07 6.04 -4.32
CA TYR C 68 17.48 5.16 -5.31
C TYR C 68 18.18 4.97 -6.66
N THR C 69 18.99 5.95 -6.97
CA THR C 69 19.75 5.97 -8.22
C THR C 69 21.16 5.53 -7.90
N VAL C 70 21.91 5.11 -8.86
CA VAL C 70 23.28 4.60 -8.76
C VAL C 70 23.93 5.21 -9.99
N GLN C 71 24.77 6.22 -9.78
CA GLN C 71 25.34 6.76 -11.05
C GLN C 71 26.59 5.96 -11.44
N LEU C 72 26.46 5.67 -12.72
CA LEU C 72 27.50 4.97 -13.48
C LEU C 72 28.29 6.20 -14.01
N GLY C 73 29.51 6.10 -13.58
CA GLY C 73 30.58 7.03 -13.74
C GLY C 73 31.58 6.88 -14.87
N ASN C 74 32.68 7.56 -14.53
CA ASN C 74 33.90 7.72 -15.35
C ASN C 74 34.59 6.36 -15.52
N GLN C 75 35.38 6.13 -14.49
CA GLN C 75 36.25 4.98 -14.30
C GLN C 75 37.47 5.03 -15.23
N THR C 76 38.53 5.65 -14.67
CA THR C 76 39.89 5.87 -15.26
C THR C 76 40.54 4.45 -15.47
N GLY C 77 40.32 3.76 -14.29
CA GLY C 77 40.77 2.35 -14.30
C GLY C 77 39.75 1.64 -15.25
N MET C 78 39.96 0.34 -15.27
CA MET C 78 39.10 -0.54 -16.10
C MET C 78 38.83 -1.75 -15.22
N ALA C 79 37.76 -2.41 -15.64
CA ALA C 79 37.31 -3.62 -14.94
C ALA C 79 37.00 -3.32 -13.46
N GLN C 80 36.76 -2.01 -13.27
CA GLN C 80 36.43 -1.63 -11.89
C GLN C 80 35.02 -2.06 -11.46
N LYS C 81 34.77 -2.01 -10.17
CA LYS C 81 33.50 -2.33 -9.56
C LYS C 81 32.51 -1.20 -9.27
N VAL C 82 31.21 -1.49 -9.40
CA VAL C 82 30.11 -0.54 -9.15
C VAL C 82 29.63 -0.67 -7.71
N PHE C 83 28.67 -1.51 -7.45
CA PHE C 83 28.21 -1.71 -6.08
C PHE C 83 28.01 -3.20 -5.79
N SER C 84 27.50 -3.34 -4.60
CA SER C 84 27.14 -4.62 -4.01
C SER C 84 26.11 -4.36 -2.91
N ILE C 85 25.34 -5.38 -2.62
CA ILE C 85 24.32 -5.50 -1.60
C ILE C 85 24.30 -7.01 -1.32
N LYS C 86 23.71 -7.34 -0.19
CA LYS C 86 23.62 -8.80 0.11
C LYS C 86 22.15 -9.16 -0.02
N VAL C 87 21.98 -10.38 -0.45
CA VAL C 87 20.70 -11.00 -0.76
C VAL C 87 19.69 -11.27 0.30
N ASP C 88 20.16 -11.34 1.49
CA ASP C 88 19.29 -11.66 2.67
C ASP C 88 18.17 -10.65 2.71
N ILE C 89 17.15 -10.83 1.90
CA ILE C 89 15.99 -10.00 1.76
C ILE C 89 15.42 -9.24 2.93
N THR C 90 15.99 -9.10 4.08
CA THR C 90 15.51 -8.40 5.26
C THR C 90 16.73 -7.52 5.64
N SER C 91 17.52 -7.14 4.66
CA SER C 91 18.72 -6.36 4.97
C SER C 91 18.93 -5.12 4.13
N THR C 92 18.65 -4.04 4.87
CA THR C 92 18.76 -2.64 4.32
C THR C 92 20.01 -2.89 3.46
N PRO C 93 20.03 -2.47 2.20
CA PRO C 93 19.01 -1.68 1.51
C PRO C 93 17.77 -2.46 1.20
N LEU C 94 17.82 -3.75 0.90
CA LEU C 94 16.63 -4.61 0.65
C LEU C 94 15.59 -4.38 1.72
N ALA C 95 15.26 -5.08 2.74
CA ALA C 95 14.23 -4.68 3.73
C ALA C 95 13.29 -3.59 3.27
N THR C 96 13.05 -2.39 3.71
CA THR C 96 12.10 -1.42 3.13
C THR C 96 11.33 -1.69 1.84
N THR C 97 11.78 -2.38 0.83
CA THR C 97 11.22 -2.80 -0.43
C THR C 97 9.87 -3.54 -0.18
N LEU C 98 8.89 -3.33 -1.06
CA LEU C 98 7.58 -3.97 -0.91
C LEU C 98 7.72 -5.42 -0.47
N ILE C 99 8.77 -6.07 -0.95
CA ILE C 99 9.05 -7.46 -0.64
C ILE C 99 9.54 -7.59 0.81
N GLY C 100 10.63 -6.92 1.04
CA GLY C 100 11.33 -6.91 2.30
C GLY C 100 10.41 -6.58 3.47
N GLU C 101 9.76 -5.45 3.26
CA GLU C 101 8.79 -4.87 4.19
C GLU C 101 7.79 -5.95 4.70
N ILE C 102 7.56 -6.85 3.76
CA ILE C 102 6.69 -7.97 3.88
C ILE C 102 7.26 -9.18 4.59
N ALA C 103 8.23 -9.70 3.88
CA ALA C 103 8.98 -10.90 4.32
C ALA C 103 9.17 -10.85 5.84
N SER C 104 9.34 -9.64 6.34
CA SER C 104 9.52 -9.24 7.72
C SER C 104 8.22 -9.43 8.48
N TYR C 105 7.32 -10.18 7.95
CA TYR C 105 6.02 -10.48 8.55
C TYR C 105 5.94 -11.98 8.74
N TYR C 106 6.92 -12.65 8.20
CA TYR C 106 7.07 -14.09 8.25
C TYR C 106 8.44 -14.48 8.73
N THR C 107 8.60 -15.64 9.27
CA THR C 107 9.85 -16.13 9.82
C THR C 107 10.70 -16.80 8.78
N HIS C 108 10.09 -17.40 7.79
CA HIS C 108 10.87 -18.09 6.74
C HIS C 108 10.51 -17.75 5.30
N TRP C 109 11.49 -17.70 4.44
CA TRP C 109 11.42 -17.40 3.02
C TRP C 109 12.07 -18.44 2.13
N THR C 110 11.74 -18.40 0.87
CA THR C 110 12.31 -19.33 -0.11
C THR C 110 11.91 -19.04 -1.56
N GLY C 111 12.77 -19.64 -2.39
CA GLY C 111 12.72 -19.54 -3.81
C GLY C 111 13.75 -18.59 -4.41
N SER C 112 13.57 -18.42 -5.71
CA SER C 112 14.44 -17.55 -6.51
C SER C 112 13.91 -16.15 -6.33
N LEU C 113 14.62 -15.18 -6.80
CA LEU C 113 14.43 -13.76 -6.79
C LEU C 113 15.05 -13.11 -8.03
N ARG C 114 14.35 -12.05 -8.34
CA ARG C 114 14.66 -11.23 -9.46
C ARG C 114 15.10 -9.81 -9.33
N PHE C 115 16.30 -9.57 -9.83
CA PHE C 115 16.77 -8.18 -9.78
C PHE C 115 16.77 -7.63 -11.19
N SER C 116 16.18 -6.46 -11.28
CA SER C 116 16.10 -5.77 -12.58
C SER C 116 16.81 -4.42 -12.50
N PHE C 117 17.51 -4.05 -13.55
CA PHE C 117 18.20 -2.75 -13.59
C PHE C 117 17.77 -2.07 -14.88
N MET C 118 17.69 -0.76 -14.88
CA MET C 118 17.30 0.15 -15.94
C MET C 118 18.28 1.30 -16.10
N PHE C 119 18.52 1.63 -17.36
CA PHE C 119 19.46 2.70 -17.70
C PHE C 119 18.78 4.04 -17.92
N CYS C 120 18.87 4.91 -16.96
CA CYS C 120 18.33 6.28 -17.09
C CYS C 120 19.41 7.16 -17.75
N GLY C 121 20.29 6.52 -18.51
CA GLY C 121 21.40 7.16 -19.25
C GLY C 121 20.77 8.03 -20.34
N THR C 122 21.41 8.01 -21.50
CA THR C 122 21.02 8.74 -22.70
C THR C 122 20.73 7.68 -23.78
N ALA C 123 20.48 8.22 -24.93
CA ALA C 123 20.19 7.33 -26.07
C ALA C 123 21.54 7.04 -26.70
N ASN C 124 22.24 8.05 -27.16
CA ASN C 124 23.55 7.96 -27.82
C ASN C 124 24.61 7.36 -26.89
N THR C 125 24.28 7.28 -25.61
CA THR C 125 25.20 6.67 -24.64
C THR C 125 25.31 5.15 -24.76
N THR C 126 26.37 4.54 -24.30
CA THR C 126 26.58 3.11 -24.33
C THR C 126 27.39 2.61 -23.12
N LEU C 127 27.14 1.37 -22.79
CA LEU C 127 27.80 0.70 -21.70
C LEU C 127 27.50 -0.79 -21.70
N LYS C 128 28.26 -1.45 -20.88
CA LYS C 128 28.21 -2.86 -20.60
C LYS C 128 28.71 -3.22 -19.20
N LEU C 129 27.78 -3.46 -18.31
CA LEU C 129 28.06 -3.90 -16.94
C LEU C 129 27.94 -5.43 -16.87
N LEU C 130 28.55 -6.00 -15.88
CA LEU C 130 28.56 -7.41 -15.50
C LEU C 130 27.98 -7.46 -14.05
N LEU C 131 26.88 -8.14 -13.86
CA LEU C 131 26.23 -8.29 -12.57
C LEU C 131 26.46 -9.74 -12.16
N ALA C 132 26.58 -9.91 -10.87
CA ALA C 132 26.82 -11.27 -10.38
C ALA C 132 26.25 -11.55 -9.01
N TYR C 133 25.86 -12.81 -8.97
CA TYR C 133 25.31 -13.44 -7.76
C TYR C 133 26.39 -14.41 -7.25
N THR C 134 26.91 -14.09 -6.10
CA THR C 134 27.91 -14.86 -5.38
C THR C 134 27.15 -15.56 -4.23
N PRO C 135 26.87 -16.84 -4.48
CA PRO C 135 26.20 -17.67 -3.50
C PRO C 135 26.95 -17.65 -2.17
N PRO C 136 26.15 -18.11 -1.22
CA PRO C 136 26.62 -18.20 0.16
C PRO C 136 27.79 -19.17 0.19
N GLY C 137 28.80 -18.93 0.97
CA GLY C 137 29.95 -19.84 1.07
C GLY C 137 31.17 -19.03 1.42
N ILE C 138 31.41 -17.97 0.69
CA ILE C 138 32.55 -17.09 0.91
C ILE C 138 32.19 -15.63 1.12
N ASP C 139 33.19 -14.80 0.96
CA ASP C 139 33.12 -13.35 1.13
C ASP C 139 32.78 -12.62 -0.18
N GLU C 140 32.07 -11.51 0.05
CA GLU C 140 31.70 -10.70 -1.14
C GLU C 140 33.04 -10.40 -1.80
N PRO C 141 33.07 -10.71 -3.08
CA PRO C 141 34.27 -10.56 -3.92
C PRO C 141 34.73 -9.12 -4.09
N THR C 142 36.03 -9.08 -3.84
CA THR C 142 36.95 -7.95 -3.88
C THR C 142 37.25 -7.61 -5.31
N THR C 143 37.31 -8.56 -6.20
CA THR C 143 37.57 -8.45 -7.62
C THR C 143 36.53 -9.05 -8.57
N ARG C 144 36.48 -8.60 -9.83
CA ARG C 144 35.50 -9.09 -10.81
C ARG C 144 35.76 -10.54 -11.18
N LYS C 145 36.92 -10.82 -11.74
CA LYS C 145 37.29 -12.21 -12.07
C LYS C 145 36.70 -13.00 -10.92
N ASP C 146 37.25 -12.96 -9.71
CA ASP C 146 36.67 -13.75 -8.63
C ASP C 146 35.14 -13.84 -8.61
N ALA C 147 34.47 -12.74 -8.82
CA ALA C 147 33.02 -12.84 -8.80
C ALA C 147 32.44 -13.47 -10.05
N MET C 148 32.93 -13.30 -11.24
CA MET C 148 32.49 -13.78 -12.56
C MET C 148 32.46 -15.29 -12.65
N LEU C 149 33.27 -15.85 -11.78
CA LEU C 149 33.41 -17.28 -11.57
C LEU C 149 32.09 -17.91 -11.19
N GLY C 150 31.20 -17.26 -10.50
CA GLY C 150 29.91 -17.87 -10.12
C GLY C 150 28.86 -17.29 -11.07
N THR C 151 27.64 -17.38 -10.60
CA THR C 151 26.44 -16.93 -11.30
C THR C 151 26.44 -15.47 -11.69
N HIS C 152 26.22 -15.20 -12.96
CA HIS C 152 26.20 -13.83 -13.43
C HIS C 152 25.51 -13.68 -14.78
N VAL C 153 25.45 -12.41 -15.11
CA VAL C 153 24.83 -11.95 -16.36
C VAL C 153 25.52 -10.72 -16.90
N VAL C 154 26.06 -10.77 -18.09
CA VAL C 154 26.69 -9.61 -18.74
C VAL C 154 25.48 -8.81 -19.22
N TRP C 155 25.50 -7.51 -19.14
CA TRP C 155 24.35 -6.69 -19.53
C TRP C 155 24.75 -5.74 -20.62
N ASP C 156 24.19 -5.83 -21.79
CA ASP C 156 24.49 -4.92 -22.90
C ASP C 156 23.38 -3.87 -22.94
N VAL C 157 23.87 -2.68 -22.62
CA VAL C 157 23.01 -1.49 -22.62
C VAL C 157 22.79 -1.18 -24.11
N GLY C 158 21.50 -1.03 -24.35
CA GLY C 158 21.19 -0.74 -25.78
C GLY C 158 19.73 -0.31 -25.83
N LEU C 159 19.26 -0.35 -27.05
CA LEU C 159 17.86 -0.02 -27.33
C LEU C 159 16.86 -0.61 -26.34
N GLN C 160 17.31 -1.64 -25.63
CA GLN C 160 16.39 -2.21 -24.67
C GLN C 160 16.36 -1.32 -23.41
N SER C 161 17.34 -1.60 -22.53
CA SER C 161 17.29 -0.72 -21.35
C SER C 161 17.12 -1.46 -20.04
N THR C 162 16.49 -2.61 -20.12
CA THR C 162 16.33 -3.24 -18.77
C THR C 162 16.89 -4.64 -18.88
N ILE C 163 17.72 -4.96 -17.93
CA ILE C 163 18.31 -6.30 -17.87
C ILE C 163 17.78 -6.72 -16.48
N SER C 164 17.41 -7.97 -16.49
CA SER C 164 16.85 -8.63 -15.31
C SER C 164 17.78 -9.79 -15.01
N LEU C 165 18.27 -9.79 -13.80
CA LEU C 165 19.19 -10.80 -13.28
C LEU C 165 18.45 -11.74 -12.32
N VAL C 166 18.57 -13.04 -12.62
CA VAL C 166 17.86 -13.95 -11.67
C VAL C 166 18.87 -14.44 -10.61
N VAL C 167 18.37 -14.65 -9.42
CA VAL C 167 19.04 -15.14 -8.25
C VAL C 167 18.40 -16.52 -7.95
N PRO C 168 19.03 -17.54 -8.53
CA PRO C 168 18.63 -18.92 -8.35
C PRO C 168 18.56 -19.17 -6.85
N TRP C 169 17.97 -20.32 -6.58
CA TRP C 169 17.89 -20.58 -5.15
C TRP C 169 18.95 -21.61 -4.86
N VAL C 170 19.93 -21.18 -4.07
CA VAL C 170 20.99 -22.13 -3.67
C VAL C 170 20.97 -22.10 -2.14
N SER C 171 20.77 -23.28 -1.61
CA SER C 171 20.70 -23.43 -0.17
C SER C 171 20.78 -24.89 0.22
N ALA C 172 20.98 -25.14 1.48
CA ALA C 172 21.06 -26.55 1.91
C ALA C 172 19.65 -26.84 2.36
N SER C 173 19.13 -26.08 3.26
CA SER C 173 17.81 -26.18 3.89
C SER C 173 16.69 -25.77 3.00
N HIS C 174 15.76 -26.65 2.59
CA HIS C 174 14.72 -26.12 1.65
C HIS C 174 14.32 -24.72 1.95
N PHE C 175 14.48 -24.36 3.16
CA PHE C 175 14.03 -23.09 3.58
C PHE C 175 15.06 -22.30 4.36
N ARG C 176 14.93 -20.98 4.19
CA ARG C 176 15.79 -19.98 4.87
C ARG C 176 14.96 -19.12 5.80
N LEU C 177 15.64 -18.60 6.75
CA LEU C 177 15.06 -17.74 7.80
C LEU C 177 15.03 -16.32 7.29
N THR C 178 13.99 -15.60 7.69
CA THR C 178 13.94 -14.21 7.26
C THR C 178 14.83 -13.31 8.13
N ALA C 179 15.00 -13.78 9.34
CA ALA C 179 15.79 -13.09 10.37
C ALA C 179 17.28 -13.30 10.14
N ASP C 180 18.10 -12.28 10.36
CA ASP C 180 19.56 -12.33 10.24
C ASP C 180 20.04 -13.62 10.91
N ASN C 181 20.78 -14.36 10.10
CA ASN C 181 21.30 -15.67 10.56
C ASN C 181 22.43 -16.06 9.61
N LYS C 182 23.52 -16.27 10.34
CA LYS C 182 24.81 -16.63 9.77
C LYS C 182 24.61 -17.88 8.90
N TYR C 183 23.80 -18.79 9.45
CA TYR C 183 23.53 -20.01 8.66
C TYR C 183 22.84 -19.70 7.31
N SER C 184 21.58 -19.30 7.41
CA SER C 184 20.71 -18.95 6.29
C SER C 184 21.18 -17.77 5.44
N MET C 185 22.45 -17.49 5.37
CA MET C 185 23.11 -16.41 4.62
C MET C 185 22.87 -16.75 3.14
N ALA C 186 22.15 -15.87 2.49
CA ALA C 186 21.83 -16.04 1.06
C ALA C 186 22.96 -15.63 0.12
N GLY C 187 23.89 -14.80 0.55
CA GLY C 187 24.96 -14.41 -0.38
C GLY C 187 24.89 -12.95 -0.75
N TYR C 188 25.68 -12.62 -1.75
CA TYR C 188 25.87 -11.30 -2.30
C TYR C 188 25.68 -11.25 -3.81
N ILE C 189 25.38 -10.09 -4.31
CA ILE C 189 25.17 -9.71 -5.71
C ILE C 189 25.97 -8.43 -5.84
N THR C 190 26.66 -8.23 -6.92
CA THR C 190 27.54 -7.07 -7.17
C THR C 190 27.50 -6.68 -8.64
N CYS C 191 28.00 -5.51 -8.96
CA CYS C 191 27.93 -5.13 -10.38
C CYS C 191 29.24 -4.52 -10.78
N TRP C 192 29.74 -4.82 -11.93
CA TRP C 192 31.00 -4.22 -12.39
C TRP C 192 30.97 -3.83 -13.86
N TYR C 193 32.01 -3.14 -14.27
CA TYR C 193 32.03 -2.69 -15.67
C TYR C 193 32.63 -3.84 -16.45
N GLN C 194 32.00 -4.01 -17.60
CA GLN C 194 32.47 -5.05 -18.53
C GLN C 194 33.41 -4.29 -19.47
N THR C 195 32.85 -3.23 -20.04
CA THR C 195 33.57 -2.30 -20.92
C THR C 195 33.61 -0.96 -20.20
N ASN C 196 32.88 0.00 -20.75
CA ASN C 196 32.74 1.34 -20.16
C ASN C 196 31.37 1.93 -20.50
N LEU C 197 31.39 3.20 -20.35
CA LEU C 197 30.31 4.11 -20.59
C LEU C 197 30.92 5.07 -21.57
N VAL C 198 30.58 4.90 -22.83
CA VAL C 198 31.16 5.75 -23.86
C VAL C 198 30.09 6.69 -24.36
N VAL C 199 30.48 7.92 -24.55
CA VAL C 199 29.40 8.83 -24.97
C VAL C 199 30.10 9.69 -25.97
N PRO C 200 29.36 9.87 -27.02
CA PRO C 200 29.87 10.72 -28.10
C PRO C 200 29.56 12.12 -27.56
N PRO C 201 30.30 13.01 -28.14
CA PRO C 201 30.25 14.41 -27.90
C PRO C 201 29.11 15.19 -27.29
N SER C 202 29.46 15.77 -26.15
CA SER C 202 28.40 16.66 -25.64
C SER C 202 27.13 15.96 -25.18
N THR C 203 27.52 14.99 -24.38
CA THR C 203 26.54 14.14 -23.72
C THR C 203 27.18 14.11 -22.35
N PRO C 204 26.41 14.01 -21.33
CA PRO C 204 26.97 13.92 -19.98
C PRO C 204 27.76 12.62 -19.88
N GLN C 205 28.68 12.49 -18.94
CA GLN C 205 29.50 11.30 -18.77
C GLN C 205 29.28 10.44 -17.51
N THR C 206 28.28 10.86 -16.80
CA THR C 206 27.82 10.12 -15.62
C THR C 206 26.32 10.05 -16.01
N ALA C 207 25.69 9.01 -15.51
CA ALA C 207 24.29 8.71 -15.77
C ALA C 207 23.93 7.68 -14.68
N ASP C 208 22.61 7.60 -14.56
CA ASP C 208 22.11 6.68 -13.53
C ASP C 208 21.42 5.43 -14.03
N MET C 209 21.37 4.51 -13.10
CA MET C 209 20.72 3.21 -13.32
C MET C 209 19.84 3.06 -12.07
N LEU C 210 18.59 2.66 -12.28
CA LEU C 210 17.65 2.43 -11.17
C LEU C 210 17.67 0.93 -10.88
N CYS C 211 17.47 0.50 -9.64
CA CYS C 211 17.46 -0.98 -9.64
C CYS C 211 16.20 -1.47 -8.91
N PHE C 212 15.76 -2.64 -9.31
CA PHE C 212 14.56 -3.22 -8.68
C PHE C 212 14.68 -4.74 -8.43
N VAL C 213 13.74 -5.14 -7.61
CA VAL C 213 13.55 -6.50 -7.14
C VAL C 213 12.04 -6.81 -6.88
N SER C 214 11.60 -7.81 -7.64
CA SER C 214 10.29 -8.48 -7.68
C SER C 214 10.58 -9.96 -7.38
N ALA C 215 9.62 -10.79 -7.10
CA ALA C 215 9.82 -12.21 -6.78
C ALA C 215 9.83 -13.07 -8.03
N CYS C 216 9.92 -14.37 -7.83
CA CYS C 216 9.94 -15.38 -8.92
C CYS C 216 8.82 -16.35 -8.60
N LYS C 217 8.25 -17.10 -9.50
CA LYS C 217 7.14 -18.02 -9.13
C LYS C 217 7.58 -19.14 -8.23
N ASP C 218 8.82 -19.10 -7.94
CA ASP C 218 9.55 -19.99 -7.08
C ASP C 218 9.13 -19.81 -5.63
N PHE C 219 9.24 -18.55 -5.29
CA PHE C 219 8.98 -17.81 -4.09
C PHE C 219 7.79 -18.31 -3.28
N CYS C 220 7.99 -18.11 -2.01
CA CYS C 220 7.02 -18.48 -0.99
C CYS C 220 7.65 -18.26 0.38
N LEU C 221 6.79 -17.87 1.27
CA LEU C 221 6.97 -17.55 2.66
C LEU C 221 6.07 -18.33 3.60
N ARG C 222 6.36 -18.20 4.87
CA ARG C 222 5.68 -18.88 5.97
C ARG C 222 6.12 -18.46 7.37
N MET C 223 5.30 -18.92 8.28
CA MET C 223 5.31 -18.77 9.72
C MET C 223 5.09 -17.28 9.92
N ALA C 224 3.87 -16.82 9.93
CA ALA C 224 3.66 -15.38 10.12
C ALA C 224 4.09 -15.02 11.53
N ARG C 225 4.66 -13.82 11.59
CA ARG C 225 5.19 -13.15 12.78
C ARG C 225 5.05 -11.66 12.60
N ASP C 226 5.13 -10.89 13.63
CA ASP C 226 5.00 -9.41 13.61
C ASP C 226 6.28 -8.79 13.07
N THR C 227 6.26 -7.73 12.31
CA THR C 227 7.41 -7.07 11.73
C THR C 227 8.49 -6.45 12.61
N ASP C 228 9.61 -6.27 11.94
CA ASP C 228 10.88 -5.74 12.32
C ASP C 228 11.06 -4.23 12.08
N LEU C 229 10.81 -3.97 10.84
CA LEU C 229 10.92 -2.69 10.19
C LEU C 229 9.92 -1.65 10.67
N HIS C 230 9.39 -1.74 11.87
CA HIS C 230 8.46 -0.72 12.37
C HIS C 230 8.15 -0.80 13.84
N ILE C 231 8.78 0.07 14.60
CA ILE C 231 8.64 0.21 16.06
C ILE C 231 7.77 1.46 16.35
N GLN C 232 6.63 1.14 16.96
CA GLN C 232 5.73 2.25 17.26
C GLN C 232 6.10 2.75 18.67
N SER C 233 7.16 3.54 18.59
CA SER C 233 7.62 4.20 19.84
C SER C 233 6.86 5.53 19.84
N GLY C 234 5.61 5.21 20.20
CA GLY C 234 4.48 6.13 20.32
C GLY C 234 4.18 5.97 21.82
N PRO C 235 2.90 5.94 22.06
CA PRO C 235 1.73 6.03 21.21
C PRO C 235 1.53 7.21 20.26
N ILE C 236 0.36 6.95 19.70
CA ILE C 236 -0.57 7.48 18.75
C ILE C 236 -1.66 8.23 19.50
N GLU C 237 -1.86 9.48 19.11
CA GLU C 237 -2.82 10.34 19.81
C GLU C 237 -4.15 10.48 19.04
N GLN C 238 -4.88 11.49 19.49
CA GLN C 238 -6.21 11.87 18.99
C GLN C 238 -6.34 13.41 18.98
N TYR D 26 -14.89 -33.04 11.36
CA TYR D 26 -15.90 -32.12 11.94
C TYR D 26 -15.85 -30.72 11.27
N PHE D 27 -17.09 -30.35 10.83
CA PHE D 27 -17.23 -29.07 10.08
C PHE D 27 -18.53 -28.84 9.27
N ASN D 28 -18.69 -27.52 9.14
CA ASN D 28 -19.84 -26.91 8.45
C ASN D 28 -20.96 -26.97 9.51
N ILE D 29 -20.55 -26.86 10.78
CA ILE D 29 -21.73 -26.97 11.70
C ILE D 29 -21.84 -25.56 12.23
N ASN D 30 -22.42 -24.72 11.39
CA ASN D 30 -22.56 -23.32 11.85
C ASN D 30 -23.55 -23.41 12.99
N TYR D 31 -22.95 -23.49 14.16
CA TYR D 31 -23.84 -23.62 15.31
C TYR D 31 -24.68 -22.35 15.38
N PHE D 32 -24.23 -21.22 14.88
CA PHE D 32 -24.97 -19.94 14.89
C PHE D 32 -25.52 -19.58 13.51
N LYS D 33 -26.73 -19.07 13.60
CA LYS D 33 -27.65 -18.61 12.56
C LYS D 33 -27.08 -17.69 11.47
N ASP D 34 -26.56 -16.56 11.91
CA ASP D 34 -25.96 -15.48 11.11
C ASP D 34 -24.73 -15.97 10.39
N ALA D 35 -24.38 -15.24 9.34
CA ALA D 35 -23.22 -15.79 8.58
C ALA D 35 -21.93 -15.19 9.04
N ALA D 36 -22.09 -13.98 9.55
CA ALA D 36 -20.99 -13.17 10.07
C ALA D 36 -20.23 -13.90 11.18
N SER D 37 -20.91 -14.91 11.65
CA SER D 37 -20.39 -15.71 12.73
C SER D 37 -20.08 -17.02 12.06
N SER D 38 -18.81 -17.30 11.99
CA SER D 38 -18.51 -18.59 11.33
C SER D 38 -16.99 -18.60 11.39
N GLY D 39 -16.40 -19.66 10.96
CA GLY D 39 -14.94 -19.74 10.99
C GLY D 39 -14.42 -18.88 9.84
N ALA D 40 -13.12 -18.87 9.85
CA ALA D 40 -12.27 -18.18 8.88
C ALA D 40 -12.79 -18.90 7.64
N SER D 41 -12.89 -18.07 6.62
CA SER D 41 -13.42 -18.71 5.38
C SER D 41 -12.33 -19.68 4.91
N ARG D 42 -12.69 -20.22 3.75
CA ARG D 42 -12.02 -21.22 2.95
C ARG D 42 -11.02 -20.72 1.93
N LEU D 43 -10.67 -21.53 0.91
CA LEU D 43 -9.59 -20.85 0.13
C LEU D 43 -9.69 -20.60 -1.34
N ASP D 44 -9.97 -21.75 -1.97
CA ASP D 44 -10.10 -21.64 -3.47
C ASP D 44 -9.38 -20.36 -3.98
C31 W54 E . -9.71 1.97 9.69
C3 W54 E . -10.84 1.21 10.30
C4 W54 E . -10.92 -0.16 10.59
C5 W54 E . -12.13 -0.36 11.13
O1 W54 E . -12.78 0.82 11.17
N2 W54 E . -11.93 1.81 10.63
C1C W54 E . -12.85 -1.54 11.65
C2C W54 E . -14.01 -1.17 12.58
C3C W54 E . -14.64 -2.38 13.25
C4C W54 E . -15.59 -2.06 14.37
C5C W54 E . -15.06 -2.38 15.75
O1B W54 E . -15.81 -3.49 16.27
C1B W54 E . -16.17 -3.55 17.58
C2B W54 E . -15.33 -3.94 18.63
CL1 W54 E . -13.70 -4.39 18.30
C3B W54 E . -15.81 -3.97 19.93
C4B W54 E . -17.13 -3.62 20.20
C5B W54 E . -17.96 -3.22 19.15
C6B W54 E . -17.49 -3.18 17.86
CL2 W54 E . -18.53 -2.70 16.58
C2A W54 E . -17.64 -3.67 21.57
N3A W54 E . -16.95 -4.20 22.71
C4A W54 E . -17.69 -4.12 23.85
C5A W54 E . -18.93 -3.46 23.27
O1A W54 E . -18.81 -3.24 21.92
#